data_1ZPH
# 
_entry.id   1ZPH 
# 
_audit_conform.dict_name       mmcif_pdbx.dic 
_audit_conform.dict_version    5.389 
_audit_conform.dict_location   http://mmcif.pdb.org/dictionaries/ascii/mmcif_pdbx.dic 
# 
loop_
_database_2.database_id 
_database_2.database_code 
_database_2.pdbx_database_accession 
_database_2.pdbx_DOI 
PDB   1ZPH         pdb_00001zph 10.2210/pdb1zph/pdb 
NDB   DD0071       ?            ?                   
RCSB  RCSB032989   ?            ?                   
WWPDB D_1000032989 ?            ?                   
# 
loop_
_pdbx_audit_revision_history.ordinal 
_pdbx_audit_revision_history.data_content_type 
_pdbx_audit_revision_history.major_revision 
_pdbx_audit_revision_history.minor_revision 
_pdbx_audit_revision_history.revision_date 
1 'Structure model' 1 0 2005-10-11 
2 'Structure model' 1 1 2008-04-30 
3 'Structure model' 1 2 2011-07-13 
4 'Structure model' 1 3 2024-02-14 
5 'Structure model' 1 4 2024-04-03 
# 
_pdbx_audit_revision_details.ordinal             1 
_pdbx_audit_revision_details.revision_ordinal    1 
_pdbx_audit_revision_details.data_content_type   'Structure model' 
_pdbx_audit_revision_details.provider            repository 
_pdbx_audit_revision_details.type                'Initial release' 
_pdbx_audit_revision_details.description         ? 
_pdbx_audit_revision_details.details             ? 
# 
loop_
_pdbx_audit_revision_group.ordinal 
_pdbx_audit_revision_group.revision_ordinal 
_pdbx_audit_revision_group.data_content_type 
_pdbx_audit_revision_group.group 
1 2 'Structure model' 'Version format compliance' 
2 3 'Structure model' 'Version format compliance' 
3 4 'Structure model' 'Data collection'           
4 4 'Structure model' 'Database references'       
5 4 'Structure model' 'Derived calculations'      
6 5 'Structure model' 'Refinement description'    
# 
loop_
_pdbx_audit_revision_category.ordinal 
_pdbx_audit_revision_category.revision_ordinal 
_pdbx_audit_revision_category.data_content_type 
_pdbx_audit_revision_category.category 
1 4 'Structure model' chem_comp_atom                
2 4 'Structure model' chem_comp_bond                
3 4 'Structure model' database_2                    
4 4 'Structure model' pdbx_struct_conn_angle        
5 4 'Structure model' struct_conn                   
6 4 'Structure model' struct_site                   
7 5 'Structure model' pdbx_initial_refinement_model 
# 
loop_
_pdbx_audit_revision_item.ordinal 
_pdbx_audit_revision_item.revision_ordinal 
_pdbx_audit_revision_item.data_content_type 
_pdbx_audit_revision_item.item 
1  4 'Structure model' '_database_2.pdbx_DOI'                        
2  4 'Structure model' '_database_2.pdbx_database_accession'         
3  4 'Structure model' '_pdbx_struct_conn_angle.ptnr1_auth_asym_id'  
4  4 'Structure model' '_pdbx_struct_conn_angle.ptnr1_auth_seq_id'   
5  4 'Structure model' '_pdbx_struct_conn_angle.ptnr1_label_asym_id' 
6  4 'Structure model' '_pdbx_struct_conn_angle.ptnr3_auth_asym_id'  
7  4 'Structure model' '_pdbx_struct_conn_angle.ptnr3_auth_seq_id'   
8  4 'Structure model' '_pdbx_struct_conn_angle.ptnr3_label_asym_id' 
9  4 'Structure model' '_pdbx_struct_conn_angle.value'               
10 4 'Structure model' '_struct_conn.pdbx_dist_value'                
11 4 'Structure model' '_struct_conn.ptnr2_auth_asym_id'             
12 4 'Structure model' '_struct_conn.ptnr2_auth_seq_id'              
13 4 'Structure model' '_struct_conn.ptnr2_label_asym_id'            
14 4 'Structure model' '_struct_site.pdbx_auth_asym_id'              
15 4 'Structure model' '_struct_site.pdbx_auth_comp_id'              
16 4 'Structure model' '_struct_site.pdbx_auth_seq_id'               
# 
_pdbx_database_status.status_code                     REL 
_pdbx_database_status.entry_id                        1ZPH 
_pdbx_database_status.recvd_initial_deposition_date   2005-05-16 
_pdbx_database_status.deposit_site                    RCSB 
_pdbx_database_status.process_site                    RCSB 
_pdbx_database_status.status_code_sf                  REL 
_pdbx_database_status.status_code_mr                  ? 
_pdbx_database_status.SG_entry                        ? 
_pdbx_database_status.pdb_format_compatible           Y 
_pdbx_database_status.status_code_cs                  ? 
_pdbx_database_status.status_code_nmr_data            ? 
_pdbx_database_status.methods_development_category    ? 
# 
_pdbx_database_related.db_name        PDB 
_pdbx_database_related.db_id          1ZPI 
_pdbx_database_related.details        
'Crystal structure analysis of the minor groove binding quinolinium quaternary salt SN 8224 complexed with CGCGAATTCGCG' 
_pdbx_database_related.content_type   unspecified 
# 
loop_
_audit_author.name 
_audit_author.pdbx_ordinal 
'Adams, A.'   1 
'Leong, C.'   2 
'Denny, W.A.' 3 
'Guss, J.M.'  4 
# 
_citation.id                        primary 
_citation.title                     
;Structures of two minor-groove-binding quinolinium quaternary salts complexed with d(CGCGAATTCGCG)(2) at 1.6 and 1.8 Angstrom resolution.
;
_citation.journal_abbrev            'Acta Crystallogr.,Sect.D' 
_citation.journal_volume            61 
_citation.page_first                1348 
_citation.page_last                 1353 
_citation.year                      2005 
_citation.journal_id_ASTM           ABCRE6 
_citation.country                   DK 
_citation.journal_id_ISSN           0907-4449 
_citation.journal_id_CSD            0766 
_citation.book_publisher            ? 
_citation.pdbx_database_id_PubMed   16204886 
_citation.pdbx_database_id_DOI      10.1107/S0907444905022997 
# 
loop_
_citation_author.citation_id 
_citation_author.name 
_citation_author.ordinal 
_citation_author.identifier_ORCID 
primary 'Adams, A.'   1 ? 
primary 'Leong, C.'   2 ? 
primary 'Denny, W.A.' 3 ? 
primary 'Guss, J.M.'  4 ? 
# 
loop_
_entity.id 
_entity.type 
_entity.src_method 
_entity.pdbx_description 
_entity.formula_weight 
_entity.pdbx_number_of_molecules 
_entity.pdbx_ec 
_entity.pdbx_mutation 
_entity.pdbx_fragment 
_entity.details 
1 polymer     syn "5'-D(*CP*GP*CP*GP*AP*AP*TP*TP*CP*GP*CP*G)-3'"                                               3663.392 2  ? ? ? ? 
2 non-polymer syn 'MAGNESIUM ION'                                                                              24.305   1  ? ? ? ? 
3 non-polymer syn '1,6-DIMETHYL-4-(4-(4-(1-METHYLPYRIDINIUM-4-YLAMINO)PHENYLCARBAMOYL)PHENYLAMINO)QUINOLINIUM' 493.727  1  ? ? ? ? 
4 water       nat water                                                                                        18.015   33 ? ? ? ? 
# 
_entity_poly.entity_id                      1 
_entity_poly.type                           polydeoxyribonucleotide 
_entity_poly.nstd_linkage                   no 
_entity_poly.nstd_monomer                   no 
_entity_poly.pdbx_seq_one_letter_code       '(DC)(DG)(DC)(DG)(DA)(DA)(DT)(DT)(DC)(DG)(DC)(DG)' 
_entity_poly.pdbx_seq_one_letter_code_can   CGCGAATTCGCG 
_entity_poly.pdbx_strand_id                 A,B 
_entity_poly.pdbx_target_identifier         ? 
# 
loop_
_pdbx_entity_nonpoly.entity_id 
_pdbx_entity_nonpoly.name 
_pdbx_entity_nonpoly.comp_id 
2 'MAGNESIUM ION'                                                                              MG  
3 '1,6-DIMETHYL-4-(4-(4-(1-METHYLPYRIDINIUM-4-YLAMINO)PHENYLCARBAMOYL)PHENYLAMINO)QUINOLINIUM' SN8 
4 water                                                                                        HOH 
# 
loop_
_entity_poly_seq.entity_id 
_entity_poly_seq.num 
_entity_poly_seq.mon_id 
_entity_poly_seq.hetero 
1 1  DC n 
1 2  DG n 
1 3  DC n 
1 4  DG n 
1 5  DA n 
1 6  DA n 
1 7  DT n 
1 8  DT n 
1 9  DC n 
1 10 DG n 
1 11 DC n 
1 12 DG n 
# 
loop_
_chem_comp.id 
_chem_comp.type 
_chem_comp.mon_nstd_flag 
_chem_comp.name 
_chem_comp.pdbx_synonyms 
_chem_comp.formula 
_chem_comp.formula_weight 
DA  'DNA linking' y "2'-DEOXYADENOSINE-5'-MONOPHOSPHATE"                                                         ?      
'C10 H14 N5 O6 P' 331.222 
DC  'DNA linking' y "2'-DEOXYCYTIDINE-5'-MONOPHOSPHATE"                                                          ?      
'C9 H14 N3 O7 P'  307.197 
DG  'DNA linking' y "2'-DEOXYGUANOSINE-5'-MONOPHOSPHATE"                                                         ?      
'C10 H14 N5 O7 P' 347.221 
DT  'DNA linking' y "THYMIDINE-5'-MONOPHOSPHATE"                                                                 ?      
'C10 H15 N2 O8 P' 322.208 
HOH non-polymer   . WATER                                                                                        ?      'H2 O' 
18.015  
MG  non-polymer   . 'MAGNESIUM ION'                                                                              ?      'Mg 2' 
24.305  
SN8 non-polymer   . '1,6-DIMETHYL-4-(4-(4-(1-METHYLPYRIDINIUM-4-YLAMINO)PHENYLCARBAMOYL)PHENYLAMINO)QUINOLINIUM' SN8315 
'C30 H47 N5 O'    493.727 
# 
loop_
_pdbx_poly_seq_scheme.asym_id 
_pdbx_poly_seq_scheme.entity_id 
_pdbx_poly_seq_scheme.seq_id 
_pdbx_poly_seq_scheme.mon_id 
_pdbx_poly_seq_scheme.ndb_seq_num 
_pdbx_poly_seq_scheme.pdb_seq_num 
_pdbx_poly_seq_scheme.auth_seq_num 
_pdbx_poly_seq_scheme.pdb_mon_id 
_pdbx_poly_seq_scheme.auth_mon_id 
_pdbx_poly_seq_scheme.pdb_strand_id 
_pdbx_poly_seq_scheme.pdb_ins_code 
_pdbx_poly_seq_scheme.hetero 
A 1 1  DC 1  1  1  DC C A . n 
A 1 2  DG 2  2  2  DG G A . n 
A 1 3  DC 3  3  3  DC C A . n 
A 1 4  DG 4  4  4  DG G A . n 
A 1 5  DA 5  5  5  DA A A . n 
A 1 6  DA 6  6  6  DA A A . n 
A 1 7  DT 7  7  7  DT T A . n 
A 1 8  DT 8  8  8  DT T A . n 
A 1 9  DC 9  9  9  DC C A . n 
A 1 10 DG 10 10 10 DG G A . n 
A 1 11 DC 11 11 11 DC C A . n 
A 1 12 DG 12 12 12 DG G A . n 
B 1 1  DC 1  13 13 DC C B . n 
B 1 2  DG 2  14 14 DG G B . n 
B 1 3  DC 3  15 15 DC C B . n 
B 1 4  DG 4  16 16 DG G B . n 
B 1 5  DA 5  17 17 DA A B . n 
B 1 6  DA 6  18 18 DA A B . n 
B 1 7  DT 7  19 19 DT T B . n 
B 1 8  DT 8  20 20 DT T B . n 
B 1 9  DC 9  21 21 DC C B . n 
B 1 10 DG 10 22 22 DG G B . n 
B 1 11 DC 11 23 23 DC C B . n 
B 1 12 DG 12 24 24 DG G B . n 
# 
loop_
_pdbx_nonpoly_scheme.asym_id 
_pdbx_nonpoly_scheme.entity_id 
_pdbx_nonpoly_scheme.mon_id 
_pdbx_nonpoly_scheme.ndb_seq_num 
_pdbx_nonpoly_scheme.pdb_seq_num 
_pdbx_nonpoly_scheme.auth_seq_num 
_pdbx_nonpoly_scheme.pdb_mon_id 
_pdbx_nonpoly_scheme.auth_mon_id 
_pdbx_nonpoly_scheme.pdb_strand_id 
_pdbx_nonpoly_scheme.pdb_ins_code 
C 2 MG  1  25 25 MG  MG  A . 
D 3 SN8 1  1  1  SN8 DRG B . 
E 4 HOH 1  26 26 HOH HOH A . 
E 4 HOH 2  27 27 HOH HOH A . 
E 4 HOH 3  30 30 HOH HOH A . 
E 4 HOH 4  31 31 HOH HOH A . 
E 4 HOH 5  32 32 HOH HOH A . 
E 4 HOH 6  33 33 HOH HOH A . 
E 4 HOH 7  35 35 HOH HOH A . 
E 4 HOH 8  36 36 HOH HOH A . 
E 4 HOH 9  37 37 HOH HOH A . 
E 4 HOH 10 38 38 HOH HOH A . 
E 4 HOH 11 40 40 HOH HOH A . 
E 4 HOH 12 41 41 HOH HOH A . 
E 4 HOH 13 42 42 HOH HOH A . 
E 4 HOH 14 43 43 HOH HOH A . 
E 4 HOH 15 44 44 HOH HOH A . 
E 4 HOH 16 45 45 HOH HOH A . 
E 4 HOH 17 46 46 HOH HOH A . 
E 4 HOH 18 47 47 HOH HOH A . 
E 4 HOH 19 48 48 HOH HOH A . 
E 4 HOH 20 52 52 HOH HOH A . 
E 4 HOH 21 53 53 HOH HOH A . 
E 4 HOH 22 54 54 HOH HOH A . 
E 4 HOH 23 55 55 HOH HOH A . 
E 4 HOH 24 56 56 HOH HOH A . 
E 4 HOH 25 58 58 HOH HOH A . 
E 4 HOH 26 59 59 HOH HOH A . 
F 4 HOH 1  29 29 HOH HOH B . 
F 4 HOH 2  34 34 HOH HOH B . 
F 4 HOH 3  39 39 HOH HOH B . 
F 4 HOH 4  49 49 HOH HOH B . 
F 4 HOH 5  50 50 HOH HOH B . 
F 4 HOH 6  51 51 HOH HOH B . 
F 4 HOH 7  57 57 HOH HOH B . 
# 
loop_
_software.name 
_software.classification 
_software.version 
_software.citation_id 
_software.pdbx_ordinal 
REFMAC    refinement       5.2.0005 ? 1 
DENZO     'data reduction' .        ? 2 
SCALEPACK 'data scaling'   .        ? 3 
# 
_cell.entry_id           1ZPH 
_cell.length_a           24.873 
_cell.length_b           39.907 
_cell.length_c           65.707 
_cell.angle_alpha        90.00 
_cell.angle_beta         90.00 
_cell.angle_gamma        90.00 
_cell.Z_PDB              8 
_cell.pdbx_unique_axis   ? 
# 
_symmetry.entry_id                         1ZPH 
_symmetry.space_group_name_H-M             'P 21 21 21' 
_symmetry.pdbx_full_space_group_name_H-M   ? 
_symmetry.cell_setting                     ? 
_symmetry.Int_Tables_number                19 
_symmetry.space_group_name_Hall            ? 
# 
_exptl.entry_id          1ZPH 
_exptl.method            'X-RAY DIFFRACTION' 
_exptl.crystals_number   1 
# 
_exptl_crystal.id                    1 
_exptl_crystal.density_meas          ? 
_exptl_crystal.density_Matthews      2.13 
_exptl_crystal.density_percent_sol   42.32 
_exptl_crystal.description           ? 
_exptl_crystal.F_000                 ? 
_exptl_crystal.preparation           ? 
# 
_exptl_crystal_grow.crystal_id      1 
_exptl_crystal_grow.method          'VAPOR DIFFUSION' 
_exptl_crystal_grow.temp            285 
_exptl_crystal_grow.temp_details    ? 
_exptl_crystal_grow.pH              7.0 
_exptl_crystal_grow.pdbx_details    'cacodylate, spermine, magnesium chloride, MPD, pH 7.0, VAPOR DIFFUSION, temperature 285K' 
_exptl_crystal_grow.pdbx_pH_range   . 
# 
loop_
_exptl_crystal_grow_comp.crystal_id 
_exptl_crystal_grow_comp.id 
_exptl_crystal_grow_comp.sol_id 
_exptl_crystal_grow_comp.name 
_exptl_crystal_grow_comp.volume 
_exptl_crystal_grow_comp.conc 
_exptl_crystal_grow_comp.details 
1 1 1 cacodylate           ? ? ? 
1 2 1 spermine             ? ? ? 
1 3 1 'magnesium chloride' ? ? ? 
1 4 1 MPD                  ? ? ? 
1 5 1 H2O                  ? ? ? 
1 6 2 cacodylate           ? ? ? 
1 7 2 'magnesium chloride' ? ? ? 
1 8 2 MPD                  ? ? ? 
# 
_diffrn.id                     1 
_diffrn.ambient_temp           110 
_diffrn.ambient_temp_details   ? 
_diffrn.crystal_id             1 
# 
_diffrn_detector.diffrn_id              1 
_diffrn_detector.detector               'IMAGE PLATE' 
_diffrn_detector.type                   MARRESEARCH 
_diffrn_detector.pdbx_collection_date   2004-08-18 
_diffrn_detector.details                mirror 
# 
_diffrn_radiation.diffrn_id                        1 
_diffrn_radiation.wavelength_id                    1 
_diffrn_radiation.pdbx_monochromatic_or_laue_m_l   M 
_diffrn_radiation.monochromator                    ? 
_diffrn_radiation.pdbx_diffrn_protocol             'SINGLE WAVELENGTH' 
_diffrn_radiation.pdbx_scattering_type             x-ray 
# 
_diffrn_radiation_wavelength.id           1 
_diffrn_radiation_wavelength.wavelength   1.5418 
_diffrn_radiation_wavelength.wt           1.0 
# 
_diffrn_source.diffrn_id                   1 
_diffrn_source.source                      'ROTATING ANODE' 
_diffrn_source.type                        'RIGAKU RU200' 
_diffrn_source.pdbx_synchrotron_site       ? 
_diffrn_source.pdbx_synchrotron_beamline   ? 
_diffrn_source.pdbx_wavelength             ? 
_diffrn_source.pdbx_wavelength_list        1.5418 
# 
_reflns.entry_id                     1ZPH 
_reflns.observed_criterion_sigma_F   0 
_reflns.observed_criterion_sigma_I   0 
_reflns.d_resolution_high            1.8 
_reflns.d_resolution_low             50 
_reflns.number_all                   ? 
_reflns.number_obs                   6315 
_reflns.percent_possible_obs         97.2 
_reflns.pdbx_Rmerge_I_obs            0.065 
_reflns.pdbx_Rsym_value              0.092 
_reflns.pdbx_netI_over_sigmaI        15.3 
_reflns.B_iso_Wilson_estimate        35.3 
_reflns.pdbx_redundancy              5.3 
_reflns.R_free_details               ? 
_reflns.pdbx_chi_squared             ? 
_reflns.pdbx_scaling_rejects         ? 
_reflns.pdbx_diffrn_id               1 
_reflns.pdbx_ordinal                 1 
# 
_reflns_shell.d_res_high             1.80 
_reflns_shell.d_res_low              1.86 
_reflns_shell.percent_possible_all   98.9 
_reflns_shell.Rmerge_I_obs           ? 
_reflns_shell.pdbx_Rsym_value        0.511 
_reflns_shell.meanI_over_sigI_obs    2.6 
_reflns_shell.pdbx_redundancy        2.6 
_reflns_shell.percent_possible_obs   ? 
_reflns_shell.number_unique_all      617 
_reflns_shell.number_measured_all    ? 
_reflns_shell.number_measured_obs    ? 
_reflns_shell.number_unique_obs      ? 
_reflns_shell.pdbx_chi_squared       ? 
_reflns_shell.pdbx_diffrn_id         ? 
_reflns_shell.pdbx_ordinal           1 
# 
_refine.entry_id                                 1ZPH 
_refine.ls_number_reflns_obs                     5807 
_refine.ls_number_reflns_all                     9114 
_refine.pdbx_ls_sigma_I                          ? 
_refine.pdbx_ls_sigma_F                          0 
_refine.pdbx_data_cutoff_high_absF               ? 
_refine.pdbx_data_cutoff_low_absF                ? 
_refine.pdbx_data_cutoff_high_rms_absF           ? 
_refine.ls_d_res_low                             34.00 
_refine.ls_d_res_high                            1.80 
_refine.ls_percent_reflns_obs                    97.21 
_refine.ls_R_factor_obs                          0.2405 
_refine.ls_R_factor_all                          0.2405 
_refine.ls_R_factor_R_work                       0.23449 
_refine.ls_R_factor_R_free                       0.31395 
_refine.ls_R_factor_R_free_error                 ? 
_refine.ls_R_factor_R_free_error_details         ? 
_refine.ls_percent_reflns_R_free                 7.5 
_refine.ls_number_reflns_R_free                  473 
_refine.ls_number_parameters                     ? 
_refine.ls_number_restraints                     ? 
_refine.occupancy_min                            ? 
_refine.occupancy_max                            ? 
_refine.correlation_coeff_Fo_to_Fc               0.958 
_refine.correlation_coeff_Fo_to_Fc_free          0.931 
_refine.B_iso_mean                               39.035 
_refine.aniso_B[1][1]                            3.62 
_refine.aniso_B[2][2]                            -1.35 
_refine.aniso_B[3][3]                            -2.27 
_refine.aniso_B[1][2]                            0.00 
_refine.aniso_B[1][3]                            0.00 
_refine.aniso_B[2][3]                            0.00 
_refine.solvent_model_details                    'BABINET MODEL WITH MASK' 
_refine.solvent_model_param_ksol                 ? 
_refine.solvent_model_param_bsol                 ? 
_refine.pdbx_solvent_vdw_probe_radii             1.20 
_refine.pdbx_solvent_ion_probe_radii             0.80 
_refine.pdbx_solvent_shrinkage_radii             0.80 
_refine.pdbx_ls_cross_valid_method               THROUGHOUT 
_refine.details                                  'HYDROGENS HAVE BEEN ADDED IN THE RIDING POSITIONS' 
_refine.pdbx_starting_model                      'ndb entry BD0007' 
_refine.pdbx_method_to_determine_struct          Refinement 
_refine.pdbx_isotropic_thermal_model             ? 
_refine.pdbx_stereochemistry_target_values       'MAXIMUM LIKELIHOOD' 
_refine.pdbx_stereochem_target_val_spec_case     ? 
_refine.pdbx_R_Free_selection_details            RANDOM 
_refine.pdbx_overall_ESU_R                       0.172 
_refine.pdbx_overall_ESU_R_Free                  0.181 
_refine.overall_SU_ML                            0.149 
_refine.overall_SU_B                             4.880 
_refine.ls_redundancy_reflns_obs                 ? 
_refine.overall_SU_R_Cruickshank_DPI             ? 
_refine.overall_SU_R_free                        ? 
_refine.ls_wR_factor_R_free                      ? 
_refine.ls_wR_factor_R_work                      ? 
_refine.overall_FOM_free_R_set                   ? 
_refine.overall_FOM_work_R_set                   ? 
_refine.pdbx_refine_id                           'X-RAY DIFFRACTION' 
_refine.pdbx_diffrn_id                           1 
_refine.pdbx_TLS_residual_ADP_flag               ? 
_refine.pdbx_overall_phase_error                 ? 
_refine.pdbx_overall_SU_R_free_Cruickshank_DPI   ? 
_refine.pdbx_overall_SU_R_Blow_DPI               ? 
_refine.pdbx_overall_SU_R_free_Blow_DPI          ? 
# 
_refine_hist.pdbx_refine_id                   'X-RAY DIFFRACTION' 
_refine_hist.cycle_id                         LAST 
_refine_hist.pdbx_number_atoms_protein        0 
_refine_hist.pdbx_number_atoms_nucleic_acid   486 
_refine_hist.pdbx_number_atoms_ligand         37 
_refine_hist.number_atoms_solvent             33 
_refine_hist.number_atoms_total               556 
_refine_hist.d_res_high                       1.80 
_refine_hist.d_res_low                        34.00 
# 
loop_
_refine_ls_restr.type 
_refine_ls_restr.dev_ideal 
_refine_ls_restr.dev_ideal_target 
_refine_ls_restr.weight 
_refine_ls_restr.number 
_refine_ls_restr.pdbx_refine_id 
_refine_ls_restr.pdbx_restraint_function 
r_bond_refined_d             0.016 0.021 ? 584 'X-RAY DIFFRACTION' ? 
r_bond_other_d               0.005 0.020 ? 259 'X-RAY DIFFRACTION' ? 
r_angle_refined_deg          1.627 2.998 ? 892 'X-RAY DIFFRACTION' ? 
r_angle_other_deg            1.221 3.015 ? 610 'X-RAY DIFFRACTION' ? 
r_dihedral_angle_1_deg       ?     ?     ? ?   'X-RAY DIFFRACTION' ? 
r_dihedral_angle_2_deg       ?     ?     ? ?   'X-RAY DIFFRACTION' ? 
r_dihedral_angle_3_deg       ?     ?     ? ?   'X-RAY DIFFRACTION' ? 
r_dihedral_angle_4_deg       ?     ?     ? ?   'X-RAY DIFFRACTION' ? 
r_chiral_restr               0.077 0.200 ? 94  'X-RAY DIFFRACTION' ? 
r_gen_planes_refined         0.014 0.020 ? 296 'X-RAY DIFFRACTION' ? 
r_gen_planes_other           0.002 0.020 ? 3   'X-RAY DIFFRACTION' ? 
r_nbd_refined                0.190 0.200 ? 65  'X-RAY DIFFRACTION' ? 
r_nbd_other                  0.224 0.200 ? 317 'X-RAY DIFFRACTION' ? 
r_nbtor_refined              0.245 0.200 ? 242 'X-RAY DIFFRACTION' ? 
r_nbtor_other                0.094 0.200 ? 155 'X-RAY DIFFRACTION' ? 
r_xyhbond_nbd_refined        0.178 0.200 ? 28  'X-RAY DIFFRACTION' ? 
r_xyhbond_nbd_other          ?     ?     ? ?   'X-RAY DIFFRACTION' ? 
r_metal_ion_refined          0.142 0.200 ? 5   'X-RAY DIFFRACTION' ? 
r_metal_ion_other            ?     ?     ? ?   'X-RAY DIFFRACTION' ? 
r_symmetry_vdw_refined       0.068 0.200 ? 3   'X-RAY DIFFRACTION' ? 
r_symmetry_vdw_other         0.147 0.200 ? 14  'X-RAY DIFFRACTION' ? 
r_symmetry_hbond_refined     0.120 0.200 ? 9   'X-RAY DIFFRACTION' ? 
r_symmetry_hbond_other       ?     ?     ? ?   'X-RAY DIFFRACTION' ? 
r_symmetry_metal_ion_refined ?     ?     ? ?   'X-RAY DIFFRACTION' ? 
r_symmetry_metal_ion_other   ?     ?     ? ?   'X-RAY DIFFRACTION' ? 
r_mcbond_it                  ?     ?     ? ?   'X-RAY DIFFRACTION' ? 
r_mcbond_other               ?     ?     ? ?   'X-RAY DIFFRACTION' ? 
r_mcangle_it                 ?     ?     ? ?   'X-RAY DIFFRACTION' ? 
r_scbond_it                  8.888 2.000 ? 869 'X-RAY DIFFRACTION' ? 
r_scangle_it                 9.685 3.000 ? 892 'X-RAY DIFFRACTION' ? 
r_rigid_bond_restr           ?     ?     ? ?   'X-RAY DIFFRACTION' ? 
r_sphericity_free            ?     ?     ? ?   'X-RAY DIFFRACTION' ? 
r_sphericity_bonded          ?     ?     ? ?   'X-RAY DIFFRACTION' ? 
# 
_refine_ls_shell.pdbx_total_number_of_bins_used   20 
_refine_ls_shell.d_res_high                       1.80 
_refine_ls_shell.d_res_low                        1.848 
_refine_ls_shell.number_reflns_R_work             413 
_refine_ls_shell.R_factor_R_work                  0.297 
_refine_ls_shell.percent_reflns_obs               99.13 
_refine_ls_shell.R_factor_R_free                  0.367 
_refine_ls_shell.R_factor_R_free_error            ? 
_refine_ls_shell.percent_reflns_R_free            ? 
_refine_ls_shell.number_reflns_R_free             41 
_refine_ls_shell.redundancy_reflns_obs            ? 
_refine_ls_shell.pdbx_refine_id                   'X-RAY DIFFRACTION' 
_refine_ls_shell.number_reflns_all                ? 
_refine_ls_shell.R_factor_all                     ? 
# 
_struct.entry_id                  1ZPH 
_struct.title                     
'Crystal structure analysis of the minor groove binding quinolinium quaternary salt SN 8315 complexed with CGCGAATTCGCG' 
_struct.pdbx_model_details        ? 
_struct.pdbx_CASP_flag            ? 
_struct.pdbx_model_type_details   ? 
# 
_struct_keywords.entry_id        1ZPH 
_struct_keywords.pdbx_keywords   DNA 
_struct_keywords.text            'B-DNA, dodecamer, minor groove binding complex, DNA' 
# 
loop_
_struct_asym.id 
_struct_asym.pdbx_blank_PDB_chainid_flag 
_struct_asym.pdbx_modified 
_struct_asym.entity_id 
_struct_asym.details 
A N N 1 ? 
B N N 1 ? 
C N N 2 ? 
D N N 3 ? 
E N N 4 ? 
F N N 4 ? 
# 
_struct_ref.id                         1 
_struct_ref.entity_id                  1 
_struct_ref.db_name                    PDB 
_struct_ref.db_code                    1ZPH 
_struct_ref.pdbx_db_accession          1ZPH 
_struct_ref.pdbx_db_isoform            ? 
_struct_ref.pdbx_seq_one_letter_code   ? 
_struct_ref.pdbx_align_begin           ? 
# 
loop_
_struct_ref_seq.align_id 
_struct_ref_seq.ref_id 
_struct_ref_seq.pdbx_PDB_id_code 
_struct_ref_seq.pdbx_strand_id 
_struct_ref_seq.seq_align_beg 
_struct_ref_seq.pdbx_seq_align_beg_ins_code 
_struct_ref_seq.seq_align_end 
_struct_ref_seq.pdbx_seq_align_end_ins_code 
_struct_ref_seq.pdbx_db_accession 
_struct_ref_seq.db_align_beg 
_struct_ref_seq.pdbx_db_align_beg_ins_code 
_struct_ref_seq.db_align_end 
_struct_ref_seq.pdbx_db_align_end_ins_code 
_struct_ref_seq.pdbx_auth_seq_align_beg 
_struct_ref_seq.pdbx_auth_seq_align_end 
1 1 1ZPH A 1 ? 12 ? 1ZPH 1  ? 12 ? 1  12 
2 1 1ZPH B 1 ? 12 ? 1ZPH 13 ? 24 ? 13 24 
# 
_pdbx_struct_assembly.id                   1 
_pdbx_struct_assembly.details              author_defined_assembly 
_pdbx_struct_assembly.method_details       ? 
_pdbx_struct_assembly.oligomeric_details   dimeric 
_pdbx_struct_assembly.oligomeric_count     2 
# 
_pdbx_struct_assembly_gen.assembly_id       1 
_pdbx_struct_assembly_gen.oper_expression   1 
_pdbx_struct_assembly_gen.asym_id_list      A,B,C,D,E,F 
# 
_pdbx_struct_oper_list.id                   1 
_pdbx_struct_oper_list.type                 'identity operation' 
_pdbx_struct_oper_list.name                 1_555 
_pdbx_struct_oper_list.symmetry_operation   x,y,z 
_pdbx_struct_oper_list.matrix[1][1]         1.0000000000 
_pdbx_struct_oper_list.matrix[1][2]         0.0000000000 
_pdbx_struct_oper_list.matrix[1][3]         0.0000000000 
_pdbx_struct_oper_list.vector[1]            0.0000000000 
_pdbx_struct_oper_list.matrix[2][1]         0.0000000000 
_pdbx_struct_oper_list.matrix[2][2]         1.0000000000 
_pdbx_struct_oper_list.matrix[2][3]         0.0000000000 
_pdbx_struct_oper_list.vector[2]            0.0000000000 
_pdbx_struct_oper_list.matrix[3][1]         0.0000000000 
_pdbx_struct_oper_list.matrix[3][2]         0.0000000000 
_pdbx_struct_oper_list.matrix[3][3]         1.0000000000 
_pdbx_struct_oper_list.vector[3]            0.0000000000 
# 
_struct_biol.id                    1 
_struct_biol.pdbx_parent_biol_id   ? 
_struct_biol.details               ? 
# 
loop_
_struct_conn.id 
_struct_conn.conn_type_id 
_struct_conn.pdbx_leaving_atom_flag 
_struct_conn.pdbx_PDB_id 
_struct_conn.ptnr1_label_asym_id 
_struct_conn.ptnr1_label_comp_id 
_struct_conn.ptnr1_label_seq_id 
_struct_conn.ptnr1_label_atom_id 
_struct_conn.pdbx_ptnr1_label_alt_id 
_struct_conn.pdbx_ptnr1_PDB_ins_code 
_struct_conn.pdbx_ptnr1_standard_comp_id 
_struct_conn.ptnr1_symmetry 
_struct_conn.ptnr2_label_asym_id 
_struct_conn.ptnr2_label_comp_id 
_struct_conn.ptnr2_label_seq_id 
_struct_conn.ptnr2_label_atom_id 
_struct_conn.pdbx_ptnr2_label_alt_id 
_struct_conn.pdbx_ptnr2_PDB_ins_code 
_struct_conn.ptnr1_auth_asym_id 
_struct_conn.ptnr1_auth_comp_id 
_struct_conn.ptnr1_auth_seq_id 
_struct_conn.ptnr2_auth_asym_id 
_struct_conn.ptnr2_auth_comp_id 
_struct_conn.ptnr2_auth_seq_id 
_struct_conn.ptnr2_symmetry 
_struct_conn.pdbx_ptnr3_label_atom_id 
_struct_conn.pdbx_ptnr3_label_seq_id 
_struct_conn.pdbx_ptnr3_label_comp_id 
_struct_conn.pdbx_ptnr3_label_asym_id 
_struct_conn.pdbx_ptnr3_label_alt_id 
_struct_conn.pdbx_ptnr3_PDB_ins_code 
_struct_conn.details 
_struct_conn.pdbx_dist_value 
_struct_conn.pdbx_value_order 
_struct_conn.pdbx_role 
metalc1  metalc ? ? C MG .  MG ? ? ? 1_555 E HOH .  O  ? ? A MG 25 A HOH 26 1_555 ? ? ? ? ? ? ?            1.998 ? ? 
metalc2  metalc ? ? C MG .  MG ? ? ? 1_555 E HOH .  O  ? ? A MG 25 A HOH 31 1_555 ? ? ? ? ? ? ?            1.826 ? ? 
metalc3  metalc ? ? C MG .  MG ? ? ? 1_555 E HOH .  O  ? ? A MG 25 A HOH 33 1_555 ? ? ? ? ? ? ?            1.944 ? ? 
metalc4  metalc ? ? C MG .  MG ? ? ? 1_555 E HOH .  O  ? ? A MG 25 A HOH 37 1_555 ? ? ? ? ? ? ?            1.871 ? ? 
metalc5  metalc ? ? C MG .  MG ? ? ? 1_555 E HOH .  O  ? ? A MG 25 A HOH 40 1_555 ? ? ? ? ? ? ?            1.752 ? ? 
metalc6  metalc ? ? C MG .  MG ? ? ? 1_555 F HOH .  O  ? ? A MG 25 B HOH 29 1_555 ? ? ? ? ? ? ?            1.957 ? ? 
hydrog1  hydrog ? ? A DC 1  N3 ? ? ? 1_555 B DG  12 N1 ? ? A DC 1  B DG  24 1_555 ? ? ? ? ? ? WATSON-CRICK ?     ? ? 
hydrog2  hydrog ? ? A DC 1  N4 ? ? ? 1_555 B DG  12 O6 ? ? A DC 1  B DG  24 1_555 ? ? ? ? ? ? WATSON-CRICK ?     ? ? 
hydrog3  hydrog ? ? A DC 1  O2 ? ? ? 1_555 B DG  12 N2 ? ? A DC 1  B DG  24 1_555 ? ? ? ? ? ? WATSON-CRICK ?     ? ? 
hydrog4  hydrog ? ? A DG 2  N1 ? ? ? 1_555 B DC  11 N3 ? ? A DG 2  B DC  23 1_555 ? ? ? ? ? ? WATSON-CRICK ?     ? ? 
hydrog5  hydrog ? ? A DG 2  N2 ? ? ? 1_555 B DC  11 O2 ? ? A DG 2  B DC  23 1_555 ? ? ? ? ? ? WATSON-CRICK ?     ? ? 
hydrog6  hydrog ? ? A DG 2  O6 ? ? ? 1_555 B DC  11 N4 ? ? A DG 2  B DC  23 1_555 ? ? ? ? ? ? WATSON-CRICK ?     ? ? 
hydrog7  hydrog ? ? A DC 3  N3 ? ? ? 1_555 B DG  10 N1 ? ? A DC 3  B DG  22 1_555 ? ? ? ? ? ? WATSON-CRICK ?     ? ? 
hydrog8  hydrog ? ? A DC 3  N4 ? ? ? 1_555 B DG  10 O6 ? ? A DC 3  B DG  22 1_555 ? ? ? ? ? ? WATSON-CRICK ?     ? ? 
hydrog9  hydrog ? ? A DC 3  O2 ? ? ? 1_555 B DG  10 N2 ? ? A DC 3  B DG  22 1_555 ? ? ? ? ? ? WATSON-CRICK ?     ? ? 
hydrog10 hydrog ? ? A DG 4  N1 ? ? ? 1_555 B DC  9  N3 ? ? A DG 4  B DC  21 1_555 ? ? ? ? ? ? WATSON-CRICK ?     ? ? 
hydrog11 hydrog ? ? A DG 4  N2 ? ? ? 1_555 B DC  9  O2 ? ? A DG 4  B DC  21 1_555 ? ? ? ? ? ? WATSON-CRICK ?     ? ? 
hydrog12 hydrog ? ? A DG 4  O6 ? ? ? 1_555 B DC  9  N4 ? ? A DG 4  B DC  21 1_555 ? ? ? ? ? ? WATSON-CRICK ?     ? ? 
hydrog13 hydrog ? ? A DA 5  N1 ? ? ? 1_555 B DT  8  N3 ? ? A DA 5  B DT  20 1_555 ? ? ? ? ? ? WATSON-CRICK ?     ? ? 
hydrog14 hydrog ? ? A DA 5  N6 ? ? ? 1_555 B DT  8  O4 ? ? A DA 5  B DT  20 1_555 ? ? ? ? ? ? WATSON-CRICK ?     ? ? 
hydrog15 hydrog ? ? A DA 6  N1 ? ? ? 1_555 B DT  7  N3 ? ? A DA 6  B DT  19 1_555 ? ? ? ? ? ? WATSON-CRICK ?     ? ? 
hydrog16 hydrog ? ? A DA 6  N6 ? ? ? 1_555 B DT  7  O4 ? ? A DA 6  B DT  19 1_555 ? ? ? ? ? ? WATSON-CRICK ?     ? ? 
hydrog17 hydrog ? ? A DT 7  N3 ? ? ? 1_555 B DA  6  N1 ? ? A DT 7  B DA  18 1_555 ? ? ? ? ? ? WATSON-CRICK ?     ? ? 
hydrog18 hydrog ? ? A DT 7  O4 ? ? ? 1_555 B DA  6  N6 ? ? A DT 7  B DA  18 1_555 ? ? ? ? ? ? WATSON-CRICK ?     ? ? 
hydrog19 hydrog ? ? A DT 8  N3 ? ? ? 1_555 B DA  5  N1 ? ? A DT 8  B DA  17 1_555 ? ? ? ? ? ? WATSON-CRICK ?     ? ? 
hydrog20 hydrog ? ? A DT 8  O4 ? ? ? 1_555 B DA  5  N6 ? ? A DT 8  B DA  17 1_555 ? ? ? ? ? ? WATSON-CRICK ?     ? ? 
hydrog21 hydrog ? ? A DC 9  N3 ? ? ? 1_555 B DG  4  N1 ? ? A DC 9  B DG  16 1_555 ? ? ? ? ? ? WATSON-CRICK ?     ? ? 
hydrog22 hydrog ? ? A DC 9  N4 ? ? ? 1_555 B DG  4  O6 ? ? A DC 9  B DG  16 1_555 ? ? ? ? ? ? WATSON-CRICK ?     ? ? 
hydrog23 hydrog ? ? A DC 9  O2 ? ? ? 1_555 B DG  4  N2 ? ? A DC 9  B DG  16 1_555 ? ? ? ? ? ? WATSON-CRICK ?     ? ? 
hydrog24 hydrog ? ? A DG 10 N1 ? ? ? 1_555 B DC  3  N3 ? ? A DG 10 B DC  15 1_555 ? ? ? ? ? ? WATSON-CRICK ?     ? ? 
hydrog25 hydrog ? ? A DG 10 N2 ? ? ? 1_555 B DC  3  O2 ? ? A DG 10 B DC  15 1_555 ? ? ? ? ? ? WATSON-CRICK ?     ? ? 
hydrog26 hydrog ? ? A DG 10 O6 ? ? ? 1_555 B DC  3  N4 ? ? A DG 10 B DC  15 1_555 ? ? ? ? ? ? WATSON-CRICK ?     ? ? 
hydrog27 hydrog ? ? A DC 11 N3 ? ? ? 1_555 B DG  2  N1 ? ? A DC 11 B DG  14 1_555 ? ? ? ? ? ? WATSON-CRICK ?     ? ? 
hydrog28 hydrog ? ? A DC 11 N4 ? ? ? 1_555 B DG  2  O6 ? ? A DC 11 B DG  14 1_555 ? ? ? ? ? ? WATSON-CRICK ?     ? ? 
hydrog29 hydrog ? ? A DC 11 O2 ? ? ? 1_555 B DG  2  N2 ? ? A DC 11 B DG  14 1_555 ? ? ? ? ? ? WATSON-CRICK ?     ? ? 
hydrog30 hydrog ? ? A DG 12 N1 ? ? ? 1_555 B DC  1  N3 ? ? A DG 12 B DC  13 1_555 ? ? ? ? ? ? WATSON-CRICK ?     ? ? 
hydrog31 hydrog ? ? A DG 12 N2 ? ? ? 1_555 B DC  1  O2 ? ? A DG 12 B DC  13 1_555 ? ? ? ? ? ? WATSON-CRICK ?     ? ? 
hydrog32 hydrog ? ? A DG 12 O6 ? ? ? 1_555 B DC  1  N4 ? ? A DG 12 B DC  13 1_555 ? ? ? ? ? ? WATSON-CRICK ?     ? ? 
# 
loop_
_struct_conn_type.id 
_struct_conn_type.criteria 
_struct_conn_type.reference 
metalc ? ? 
hydrog ? ? 
# 
loop_
_pdbx_struct_conn_angle.id 
_pdbx_struct_conn_angle.ptnr1_label_atom_id 
_pdbx_struct_conn_angle.ptnr1_label_alt_id 
_pdbx_struct_conn_angle.ptnr1_label_asym_id 
_pdbx_struct_conn_angle.ptnr1_label_comp_id 
_pdbx_struct_conn_angle.ptnr1_label_seq_id 
_pdbx_struct_conn_angle.ptnr1_auth_atom_id 
_pdbx_struct_conn_angle.ptnr1_auth_asym_id 
_pdbx_struct_conn_angle.ptnr1_auth_comp_id 
_pdbx_struct_conn_angle.ptnr1_auth_seq_id 
_pdbx_struct_conn_angle.ptnr1_PDB_ins_code 
_pdbx_struct_conn_angle.ptnr1_symmetry 
_pdbx_struct_conn_angle.ptnr2_label_atom_id 
_pdbx_struct_conn_angle.ptnr2_label_alt_id 
_pdbx_struct_conn_angle.ptnr2_label_asym_id 
_pdbx_struct_conn_angle.ptnr2_label_comp_id 
_pdbx_struct_conn_angle.ptnr2_label_seq_id 
_pdbx_struct_conn_angle.ptnr2_auth_atom_id 
_pdbx_struct_conn_angle.ptnr2_auth_asym_id 
_pdbx_struct_conn_angle.ptnr2_auth_comp_id 
_pdbx_struct_conn_angle.ptnr2_auth_seq_id 
_pdbx_struct_conn_angle.ptnr2_PDB_ins_code 
_pdbx_struct_conn_angle.ptnr2_symmetry 
_pdbx_struct_conn_angle.ptnr3_label_atom_id 
_pdbx_struct_conn_angle.ptnr3_label_alt_id 
_pdbx_struct_conn_angle.ptnr3_label_asym_id 
_pdbx_struct_conn_angle.ptnr3_label_comp_id 
_pdbx_struct_conn_angle.ptnr3_label_seq_id 
_pdbx_struct_conn_angle.ptnr3_auth_atom_id 
_pdbx_struct_conn_angle.ptnr3_auth_asym_id 
_pdbx_struct_conn_angle.ptnr3_auth_comp_id 
_pdbx_struct_conn_angle.ptnr3_auth_seq_id 
_pdbx_struct_conn_angle.ptnr3_PDB_ins_code 
_pdbx_struct_conn_angle.ptnr3_symmetry 
_pdbx_struct_conn_angle.value 
_pdbx_struct_conn_angle.value_esd 
1  O ? E HOH . ? A HOH 26 ? 1_555 MG ? C MG . ? A MG 25 ? 1_555 O ? E HOH . ? A HOH 31 ? 1_555 92.8  ? 
2  O ? E HOH . ? A HOH 26 ? 1_555 MG ? C MG . ? A MG 25 ? 1_555 O ? E HOH . ? A HOH 33 ? 1_555 86.7  ? 
3  O ? E HOH . ? A HOH 31 ? 1_555 MG ? C MG . ? A MG 25 ? 1_555 O ? E HOH . ? A HOH 33 ? 1_555 93.8  ? 
4  O ? E HOH . ? A HOH 26 ? 1_555 MG ? C MG . ? A MG 25 ? 1_555 O ? E HOH . ? A HOH 37 ? 1_555 179.5 ? 
5  O ? E HOH . ? A HOH 31 ? 1_555 MG ? C MG . ? A MG 25 ? 1_555 O ? E HOH . ? A HOH 37 ? 1_555 86.7  ? 
6  O ? E HOH . ? A HOH 33 ? 1_555 MG ? C MG . ? A MG 25 ? 1_555 O ? E HOH . ? A HOH 37 ? 1_555 93.2  ? 
7  O ? E HOH . ? A HOH 26 ? 1_555 MG ? C MG . ? A MG 25 ? 1_555 O ? E HOH . ? A HOH 40 ? 1_555 83.9  ? 
8  O ? E HOH . ? A HOH 31 ? 1_555 MG ? C MG . ? A MG 25 ? 1_555 O ? E HOH . ? A HOH 40 ? 1_555 176.2 ? 
9  O ? E HOH . ? A HOH 33 ? 1_555 MG ? C MG . ? A MG 25 ? 1_555 O ? E HOH . ? A HOH 40 ? 1_555 87.9  ? 
10 O ? E HOH . ? A HOH 37 ? 1_555 MG ? C MG . ? A MG 25 ? 1_555 O ? E HOH . ? A HOH 40 ? 1_555 96.6  ? 
11 O ? E HOH . ? A HOH 26 ? 1_555 MG ? C MG . ? A MG 25 ? 1_555 O ? F HOH . ? B HOH 29 ? 1_555 93.4  ? 
12 O ? E HOH . ? A HOH 31 ? 1_555 MG ? C MG . ? A MG 25 ? 1_555 O ? F HOH . ? B HOH 29 ? 1_555 89.7  ? 
13 O ? E HOH . ? A HOH 33 ? 1_555 MG ? C MG . ? A MG 25 ? 1_555 O ? F HOH . ? B HOH 29 ? 1_555 176.5 ? 
14 O ? E HOH . ? A HOH 37 ? 1_555 MG ? C MG . ? A MG 25 ? 1_555 O ? F HOH . ? B HOH 29 ? 1_555 86.7  ? 
15 O ? E HOH . ? A HOH 40 ? 1_555 MG ? C MG . ? A MG 25 ? 1_555 O ? F HOH . ? B HOH 29 ? 1_555 88.7  ? 
# 
loop_
_struct_site.id 
_struct_site.pdbx_evidence_code 
_struct_site.pdbx_auth_asym_id 
_struct_site.pdbx_auth_comp_id 
_struct_site.pdbx_auth_seq_id 
_struct_site.pdbx_auth_ins_code 
_struct_site.pdbx_num_residues 
_struct_site.details 
AC1 Software B SN8 1  ? 13 'BINDING SITE FOR RESIDUE SN8 B 1' 
AC2 Software A MG  25 ? 6  'BINDING SITE FOR RESIDUE MG A 25' 
1   ?        ? ?   ?  ? ?  ?                                  
# 
loop_
_struct_site_gen.id 
_struct_site_gen.site_id 
_struct_site_gen.pdbx_num_res 
_struct_site_gen.label_comp_id 
_struct_site_gen.label_asym_id 
_struct_site_gen.label_seq_id 
_struct_site_gen.pdbx_auth_ins_code 
_struct_site_gen.auth_comp_id 
_struct_site_gen.auth_asym_id 
_struct_site_gen.auth_seq_id 
_struct_site_gen.label_atom_id 
_struct_site_gen.label_alt_id 
_struct_site_gen.symmetry 
_struct_site_gen.details 
1  AC1 13 DG  A 4  ? DG  A 4  . ? 1_555 ? 
2  AC1 13 DA  A 5  ? DA  A 5  . ? 1_555 ? 
3  AC1 13 DA  A 6  ? DA  A 6  . ? 1_555 ? 
4  AC1 13 DT  A 7  ? DT  A 7  . ? 1_555 ? 
5  AC1 13 DT  A 8  ? DT  A 8  . ? 1_555 ? 
6  AC1 13 DC  A 9  ? DC  A 9  . ? 1_555 ? 
7  AC1 13 DG  B 4  ? DG  B 16 . ? 1_555 ? 
8  AC1 13 DA  B 5  ? DA  B 17 . ? 1_555 ? 
9  AC1 13 DA  B 6  ? DA  B 18 . ? 1_555 ? 
10 AC1 13 DT  B 7  ? DT  B 19 . ? 1_555 ? 
11 AC1 13 DT  B 8  ? DT  B 20 . ? 1_555 ? 
12 AC1 13 DC  B 9  ? DC  B 21 . ? 1_555 ? 
13 AC1 13 DG  B 10 ? DG  B 22 . ? 1_555 ? 
14 AC2 6  HOH E .  ? HOH A 26 . ? 1_555 ? 
15 AC2 6  HOH E .  ? HOH A 31 . ? 1_555 ? 
16 AC2 6  HOH E .  ? HOH A 33 . ? 1_555 ? 
17 AC2 6  HOH E .  ? HOH A 37 . ? 1_555 ? 
18 AC2 6  HOH E .  ? HOH A 40 . ? 1_555 ? 
19 AC2 6  HOH F .  ? HOH B 29 . ? 1_555 ? 
# 
loop_
_pdbx_validate_rmsd_bond.id 
_pdbx_validate_rmsd_bond.PDB_model_num 
_pdbx_validate_rmsd_bond.auth_atom_id_1 
_pdbx_validate_rmsd_bond.auth_asym_id_1 
_pdbx_validate_rmsd_bond.auth_comp_id_1 
_pdbx_validate_rmsd_bond.auth_seq_id_1 
_pdbx_validate_rmsd_bond.PDB_ins_code_1 
_pdbx_validate_rmsd_bond.label_alt_id_1 
_pdbx_validate_rmsd_bond.auth_atom_id_2 
_pdbx_validate_rmsd_bond.auth_asym_id_2 
_pdbx_validate_rmsd_bond.auth_comp_id_2 
_pdbx_validate_rmsd_bond.auth_seq_id_2 
_pdbx_validate_rmsd_bond.PDB_ins_code_2 
_pdbx_validate_rmsd_bond.label_alt_id_2 
_pdbx_validate_rmsd_bond.bond_value 
_pdbx_validate_rmsd_bond.bond_target_value 
_pdbx_validate_rmsd_bond.bond_deviation 
_pdbx_validate_rmsd_bond.bond_standard_deviation 
_pdbx_validate_rmsd_bond.linker_flag 
1 1 "O3'" A DG 10 ? ? "C3'" A DG 10 ? ? 1.382 1.419 -0.037 0.006 N 
2 1 "O3'" B DC 15 ? ? "C3'" B DC 15 ? ? 1.367 1.419 -0.052 0.006 N 
3 1 "O3'" B DA 18 ? ? "C3'" B DA 18 ? ? 1.361 1.419 -0.058 0.006 N 
4 1 "O3'" B DG 22 ? ? "C3'" B DG 22 ? ? 1.382 1.419 -0.037 0.006 N 
# 
loop_
_pdbx_validate_rmsd_angle.id 
_pdbx_validate_rmsd_angle.PDB_model_num 
_pdbx_validate_rmsd_angle.auth_atom_id_1 
_pdbx_validate_rmsd_angle.auth_asym_id_1 
_pdbx_validate_rmsd_angle.auth_comp_id_1 
_pdbx_validate_rmsd_angle.auth_seq_id_1 
_pdbx_validate_rmsd_angle.PDB_ins_code_1 
_pdbx_validate_rmsd_angle.label_alt_id_1 
_pdbx_validate_rmsd_angle.auth_atom_id_2 
_pdbx_validate_rmsd_angle.auth_asym_id_2 
_pdbx_validate_rmsd_angle.auth_comp_id_2 
_pdbx_validate_rmsd_angle.auth_seq_id_2 
_pdbx_validate_rmsd_angle.PDB_ins_code_2 
_pdbx_validate_rmsd_angle.label_alt_id_2 
_pdbx_validate_rmsd_angle.auth_atom_id_3 
_pdbx_validate_rmsd_angle.auth_asym_id_3 
_pdbx_validate_rmsd_angle.auth_comp_id_3 
_pdbx_validate_rmsd_angle.auth_seq_id_3 
_pdbx_validate_rmsd_angle.PDB_ins_code_3 
_pdbx_validate_rmsd_angle.label_alt_id_3 
_pdbx_validate_rmsd_angle.angle_value 
_pdbx_validate_rmsd_angle.angle_target_value 
_pdbx_validate_rmsd_angle.angle_deviation 
_pdbx_validate_rmsd_angle.angle_standard_deviation 
_pdbx_validate_rmsd_angle.linker_flag 
1 1 N3 A DT 7 ? ? C4 A DT 7 ? ? O4 A DT 7 ? ? 124.24 119.90 4.34  0.60 N 
2 1 C5 A DT 7 ? ? C4 A DT 7 ? ? O4 A DT 7 ? ? 119.34 124.90 -5.56 0.70 N 
# 
_struct_site_keywords.site_id   1 
_struct_site_keywords.text      'minor groove binder' 
# 
loop_
_chem_comp_atom.comp_id 
_chem_comp_atom.atom_id 
_chem_comp_atom.type_symbol 
_chem_comp_atom.pdbx_aromatic_flag 
_chem_comp_atom.pdbx_stereo_config 
_chem_comp_atom.pdbx_ordinal 
DA  OP3    O  N N 1   
DA  P      P  N N 2   
DA  OP1    O  N N 3   
DA  OP2    O  N N 4   
DA  "O5'"  O  N N 5   
DA  "C5'"  C  N N 6   
DA  "C4'"  C  N R 7   
DA  "O4'"  O  N N 8   
DA  "C3'"  C  N S 9   
DA  "O3'"  O  N N 10  
DA  "C2'"  C  N N 11  
DA  "C1'"  C  N R 12  
DA  N9     N  Y N 13  
DA  C8     C  Y N 14  
DA  N7     N  Y N 15  
DA  C5     C  Y N 16  
DA  C6     C  Y N 17  
DA  N6     N  N N 18  
DA  N1     N  Y N 19  
DA  C2     C  Y N 20  
DA  N3     N  Y N 21  
DA  C4     C  Y N 22  
DA  HOP3   H  N N 23  
DA  HOP2   H  N N 24  
DA  "H5'"  H  N N 25  
DA  "H5''" H  N N 26  
DA  "H4'"  H  N N 27  
DA  "H3'"  H  N N 28  
DA  "HO3'" H  N N 29  
DA  "H2'"  H  N N 30  
DA  "H2''" H  N N 31  
DA  "H1'"  H  N N 32  
DA  H8     H  N N 33  
DA  H61    H  N N 34  
DA  H62    H  N N 35  
DA  H2     H  N N 36  
DC  OP3    O  N N 37  
DC  P      P  N N 38  
DC  OP1    O  N N 39  
DC  OP2    O  N N 40  
DC  "O5'"  O  N N 41  
DC  "C5'"  C  N N 42  
DC  "C4'"  C  N R 43  
DC  "O4'"  O  N N 44  
DC  "C3'"  C  N S 45  
DC  "O3'"  O  N N 46  
DC  "C2'"  C  N N 47  
DC  "C1'"  C  N R 48  
DC  N1     N  N N 49  
DC  C2     C  N N 50  
DC  O2     O  N N 51  
DC  N3     N  N N 52  
DC  C4     C  N N 53  
DC  N4     N  N N 54  
DC  C5     C  N N 55  
DC  C6     C  N N 56  
DC  HOP3   H  N N 57  
DC  HOP2   H  N N 58  
DC  "H5'"  H  N N 59  
DC  "H5''" H  N N 60  
DC  "H4'"  H  N N 61  
DC  "H3'"  H  N N 62  
DC  "HO3'" H  N N 63  
DC  "H2'"  H  N N 64  
DC  "H2''" H  N N 65  
DC  "H1'"  H  N N 66  
DC  H41    H  N N 67  
DC  H42    H  N N 68  
DC  H5     H  N N 69  
DC  H6     H  N N 70  
DG  OP3    O  N N 71  
DG  P      P  N N 72  
DG  OP1    O  N N 73  
DG  OP2    O  N N 74  
DG  "O5'"  O  N N 75  
DG  "C5'"  C  N N 76  
DG  "C4'"  C  N R 77  
DG  "O4'"  O  N N 78  
DG  "C3'"  C  N S 79  
DG  "O3'"  O  N N 80  
DG  "C2'"  C  N N 81  
DG  "C1'"  C  N R 82  
DG  N9     N  Y N 83  
DG  C8     C  Y N 84  
DG  N7     N  Y N 85  
DG  C5     C  Y N 86  
DG  C6     C  N N 87  
DG  O6     O  N N 88  
DG  N1     N  N N 89  
DG  C2     C  N N 90  
DG  N2     N  N N 91  
DG  N3     N  N N 92  
DG  C4     C  Y N 93  
DG  HOP3   H  N N 94  
DG  HOP2   H  N N 95  
DG  "H5'"  H  N N 96  
DG  "H5''" H  N N 97  
DG  "H4'"  H  N N 98  
DG  "H3'"  H  N N 99  
DG  "HO3'" H  N N 100 
DG  "H2'"  H  N N 101 
DG  "H2''" H  N N 102 
DG  "H1'"  H  N N 103 
DG  H8     H  N N 104 
DG  H1     H  N N 105 
DG  H21    H  N N 106 
DG  H22    H  N N 107 
DT  OP3    O  N N 108 
DT  P      P  N N 109 
DT  OP1    O  N N 110 
DT  OP2    O  N N 111 
DT  "O5'"  O  N N 112 
DT  "C5'"  C  N N 113 
DT  "C4'"  C  N R 114 
DT  "O4'"  O  N N 115 
DT  "C3'"  C  N S 116 
DT  "O3'"  O  N N 117 
DT  "C2'"  C  N N 118 
DT  "C1'"  C  N R 119 
DT  N1     N  N N 120 
DT  C2     C  N N 121 
DT  O2     O  N N 122 
DT  N3     N  N N 123 
DT  C4     C  N N 124 
DT  O4     O  N N 125 
DT  C5     C  N N 126 
DT  C7     C  N N 127 
DT  C6     C  N N 128 
DT  HOP3   H  N N 129 
DT  HOP2   H  N N 130 
DT  "H5'"  H  N N 131 
DT  "H5''" H  N N 132 
DT  "H4'"  H  N N 133 
DT  "H3'"  H  N N 134 
DT  "HO3'" H  N N 135 
DT  "H2'"  H  N N 136 
DT  "H2''" H  N N 137 
DT  "H1'"  H  N N 138 
DT  H3     H  N N 139 
DT  H71    H  N N 140 
DT  H72    H  N N 141 
DT  H73    H  N N 142 
DT  H6     H  N N 143 
HOH O      O  N N 144 
HOH H1     H  N N 145 
HOH H2     H  N N 146 
MG  MG     MG N N 147 
SN8 CBG    C  Y N 148 
SN8 CAU    C  Y N 149 
SN8 CAZ    C  Y N 150 
SN8 CAA    C  N N 151 
SN8 CAM    C  Y N 152 
SN8 CAQ    C  Y N 153 
SN8 CBH    C  Y N 154 
SN8 NBJ    N  N N 155 
SN8 CAC    C  N N 156 
SN8 CAT    C  N N 157 
SN8 CAP    C  N N 158 
SN8 CBF    C  N N 159 
SN8 NAX    N  N N 160 
SN8 CBC    C  N N 161 
SN8 CAJ    C  N N 162 
SN8 CAL    C  N N 163 
SN8 CAI    C  N N 164 
SN8 CAK    C  N N 165 
SN8 CBE    C  N N 166 
SN8 CAY    C  N N 167 
SN8 OAD    O  N N 168 
SN8 NAV    N  N N 169 
SN8 CBA    C  N N 170 
SN8 CAF    C  N N 171 
SN8 CAH    C  N N 172 
SN8 CAE    C  N N 173 
SN8 CAG    C  N N 174 
SN8 CBB    C  N N 175 
SN8 NAW    N  N N 176 
SN8 CBD    C  N N 177 
SN8 CAN    C  N N 178 
SN8 CAR    C  N N 179 
SN8 NBI    N  N N 180 
SN8 CAB    C  N N 181 
SN8 CAS    C  N N 182 
SN8 CAO    C  N N 183 
SN8 HAU    H  N N 184 
SN8 HAA1   H  N N 185 
SN8 HAA2   H  N N 186 
SN8 HAA3   H  N N 187 
SN8 HAM    H  N N 188 
SN8 HAQ    H  N N 189 
SN8 HAC1   H  N N 190 
SN8 HAC2   H  N N 191 
SN8 HAC3   H  N N 192 
SN8 HAT    H  N N 193 
SN8 HAT1   H  N N 194 
SN8 HAP    H  N N 195 
SN8 HAX    H  N N 196 
SN8 HBC    H  N N 197 
SN8 HAJ    H  N N 198 
SN8 HAJ1   H  N N 199 
SN8 HAL    H  N N 200 
SN8 HAL1   H  N N 201 
SN8 HAI    H  N N 202 
SN8 HAI1   H  N N 203 
SN8 HAK    H  N N 204 
SN8 HAK1   H  N N 205 
SN8 HBE    H  N N 206 
SN8 HAV    H  N N 207 
SN8 HBA    H  N N 208 
SN8 HAF    H  N N 209 
SN8 HAF1   H  N N 210 
SN8 HAH    H  N N 211 
SN8 HAH1   H  N N 212 
SN8 HAE    H  N N 213 
SN8 HAE1   H  N N 214 
SN8 HAG    H  N N 215 
SN8 HAG1   H  N N 216 
SN8 HBB    H  N N 217 
SN8 HAW    H  N N 218 
SN8 HBD    H  N N 219 
SN8 HAN    H  N N 220 
SN8 HAN1   H  N N 221 
SN8 HAR    H  N N 222 
SN8 HAR1   H  N N 223 
SN8 HAB1   H  N N 224 
SN8 HAB2   H  N N 225 
SN8 HAB3   H  N N 226 
SN8 HAS    H  N N 227 
SN8 HAS1   H  N N 228 
SN8 HAO    H  N N 229 
SN8 HAO1   H  N N 230 
# 
loop_
_chem_comp_bond.comp_id 
_chem_comp_bond.atom_id_1 
_chem_comp_bond.atom_id_2 
_chem_comp_bond.value_order 
_chem_comp_bond.pdbx_aromatic_flag 
_chem_comp_bond.pdbx_stereo_config 
_chem_comp_bond.pdbx_ordinal 
DA  OP3   P      sing N N 1   
DA  OP3   HOP3   sing N N 2   
DA  P     OP1    doub N N 3   
DA  P     OP2    sing N N 4   
DA  P     "O5'"  sing N N 5   
DA  OP2   HOP2   sing N N 6   
DA  "O5'" "C5'"  sing N N 7   
DA  "C5'" "C4'"  sing N N 8   
DA  "C5'" "H5'"  sing N N 9   
DA  "C5'" "H5''" sing N N 10  
DA  "C4'" "O4'"  sing N N 11  
DA  "C4'" "C3'"  sing N N 12  
DA  "C4'" "H4'"  sing N N 13  
DA  "O4'" "C1'"  sing N N 14  
DA  "C3'" "O3'"  sing N N 15  
DA  "C3'" "C2'"  sing N N 16  
DA  "C3'" "H3'"  sing N N 17  
DA  "O3'" "HO3'" sing N N 18  
DA  "C2'" "C1'"  sing N N 19  
DA  "C2'" "H2'"  sing N N 20  
DA  "C2'" "H2''" sing N N 21  
DA  "C1'" N9     sing N N 22  
DA  "C1'" "H1'"  sing N N 23  
DA  N9    C8     sing Y N 24  
DA  N9    C4     sing Y N 25  
DA  C8    N7     doub Y N 26  
DA  C8    H8     sing N N 27  
DA  N7    C5     sing Y N 28  
DA  C5    C6     sing Y N 29  
DA  C5    C4     doub Y N 30  
DA  C6    N6     sing N N 31  
DA  C6    N1     doub Y N 32  
DA  N6    H61    sing N N 33  
DA  N6    H62    sing N N 34  
DA  N1    C2     sing Y N 35  
DA  C2    N3     doub Y N 36  
DA  C2    H2     sing N N 37  
DA  N3    C4     sing Y N 38  
DC  OP3   P      sing N N 39  
DC  OP3   HOP3   sing N N 40  
DC  P     OP1    doub N N 41  
DC  P     OP2    sing N N 42  
DC  P     "O5'"  sing N N 43  
DC  OP2   HOP2   sing N N 44  
DC  "O5'" "C5'"  sing N N 45  
DC  "C5'" "C4'"  sing N N 46  
DC  "C5'" "H5'"  sing N N 47  
DC  "C5'" "H5''" sing N N 48  
DC  "C4'" "O4'"  sing N N 49  
DC  "C4'" "C3'"  sing N N 50  
DC  "C4'" "H4'"  sing N N 51  
DC  "O4'" "C1'"  sing N N 52  
DC  "C3'" "O3'"  sing N N 53  
DC  "C3'" "C2'"  sing N N 54  
DC  "C3'" "H3'"  sing N N 55  
DC  "O3'" "HO3'" sing N N 56  
DC  "C2'" "C1'"  sing N N 57  
DC  "C2'" "H2'"  sing N N 58  
DC  "C2'" "H2''" sing N N 59  
DC  "C1'" N1     sing N N 60  
DC  "C1'" "H1'"  sing N N 61  
DC  N1    C2     sing N N 62  
DC  N1    C6     sing N N 63  
DC  C2    O2     doub N N 64  
DC  C2    N3     sing N N 65  
DC  N3    C4     doub N N 66  
DC  C4    N4     sing N N 67  
DC  C4    C5     sing N N 68  
DC  N4    H41    sing N N 69  
DC  N4    H42    sing N N 70  
DC  C5    C6     doub N N 71  
DC  C5    H5     sing N N 72  
DC  C6    H6     sing N N 73  
DG  OP3   P      sing N N 74  
DG  OP3   HOP3   sing N N 75  
DG  P     OP1    doub N N 76  
DG  P     OP2    sing N N 77  
DG  P     "O5'"  sing N N 78  
DG  OP2   HOP2   sing N N 79  
DG  "O5'" "C5'"  sing N N 80  
DG  "C5'" "C4'"  sing N N 81  
DG  "C5'" "H5'"  sing N N 82  
DG  "C5'" "H5''" sing N N 83  
DG  "C4'" "O4'"  sing N N 84  
DG  "C4'" "C3'"  sing N N 85  
DG  "C4'" "H4'"  sing N N 86  
DG  "O4'" "C1'"  sing N N 87  
DG  "C3'" "O3'"  sing N N 88  
DG  "C3'" "C2'"  sing N N 89  
DG  "C3'" "H3'"  sing N N 90  
DG  "O3'" "HO3'" sing N N 91  
DG  "C2'" "C1'"  sing N N 92  
DG  "C2'" "H2'"  sing N N 93  
DG  "C2'" "H2''" sing N N 94  
DG  "C1'" N9     sing N N 95  
DG  "C1'" "H1'"  sing N N 96  
DG  N9    C8     sing Y N 97  
DG  N9    C4     sing Y N 98  
DG  C8    N7     doub Y N 99  
DG  C8    H8     sing N N 100 
DG  N7    C5     sing Y N 101 
DG  C5    C6     sing N N 102 
DG  C5    C4     doub Y N 103 
DG  C6    O6     doub N N 104 
DG  C6    N1     sing N N 105 
DG  N1    C2     sing N N 106 
DG  N1    H1     sing N N 107 
DG  C2    N2     sing N N 108 
DG  C2    N3     doub N N 109 
DG  N2    H21    sing N N 110 
DG  N2    H22    sing N N 111 
DG  N3    C4     sing N N 112 
DT  OP3   P      sing N N 113 
DT  OP3   HOP3   sing N N 114 
DT  P     OP1    doub N N 115 
DT  P     OP2    sing N N 116 
DT  P     "O5'"  sing N N 117 
DT  OP2   HOP2   sing N N 118 
DT  "O5'" "C5'"  sing N N 119 
DT  "C5'" "C4'"  sing N N 120 
DT  "C5'" "H5'"  sing N N 121 
DT  "C5'" "H5''" sing N N 122 
DT  "C4'" "O4'"  sing N N 123 
DT  "C4'" "C3'"  sing N N 124 
DT  "C4'" "H4'"  sing N N 125 
DT  "O4'" "C1'"  sing N N 126 
DT  "C3'" "O3'"  sing N N 127 
DT  "C3'" "C2'"  sing N N 128 
DT  "C3'" "H3'"  sing N N 129 
DT  "O3'" "HO3'" sing N N 130 
DT  "C2'" "C1'"  sing N N 131 
DT  "C2'" "H2'"  sing N N 132 
DT  "C2'" "H2''" sing N N 133 
DT  "C1'" N1     sing N N 134 
DT  "C1'" "H1'"  sing N N 135 
DT  N1    C2     sing N N 136 
DT  N1    C6     sing N N 137 
DT  C2    O2     doub N N 138 
DT  C2    N3     sing N N 139 
DT  N3    C4     sing N N 140 
DT  N3    H3     sing N N 141 
DT  C4    O4     doub N N 142 
DT  C4    C5     sing N N 143 
DT  C5    C7     sing N N 144 
DT  C5    C6     doub N N 145 
DT  C7    H71    sing N N 146 
DT  C7    H72    sing N N 147 
DT  C7    H73    sing N N 148 
DT  C6    H6     sing N N 149 
HOH O     H1     sing N N 150 
HOH O     H2     sing N N 151 
SN8 CBG   CAU    sing Y N 152 
SN8 CBG   CBH    doub Y N 153 
SN8 CBG   CBF    sing N N 154 
SN8 CAU   CAZ    doub Y N 155 
SN8 CAU   HAU    sing N N 156 
SN8 CAZ   CAA    sing N N 157 
SN8 CAZ   CAM    sing Y N 158 
SN8 CAA   HAA1   sing N N 159 
SN8 CAA   HAA2   sing N N 160 
SN8 CAA   HAA3   sing N N 161 
SN8 CAM   CAQ    doub Y N 162 
SN8 CAM   HAM    sing N N 163 
SN8 CAQ   CBH    sing Y N 164 
SN8 CAQ   HAQ    sing N N 165 
SN8 CBH   NBJ    sing N N 166 
SN8 NBJ   CAC    sing N N 167 
SN8 NBJ   CAT    sing N N 168 
SN8 CAC   HAC1   sing N N 169 
SN8 CAC   HAC2   sing N N 170 
SN8 CAC   HAC3   sing N N 171 
SN8 CAT   CAP    sing N N 172 
SN8 CAT   HAT    sing N N 173 
SN8 CAT   HAT1   sing N N 174 
SN8 CAP   CBF    doub N N 175 
SN8 CAP   HAP    sing N N 176 
SN8 CBF   NAX    sing N N 177 
SN8 NAX   CBC    sing N N 178 
SN8 NAX   HAX    sing N N 179 
SN8 CBC   CAJ    sing N N 180 
SN8 CBC   CAI    sing N N 181 
SN8 CBC   HBC    sing N N 182 
SN8 CAJ   CAL    sing N N 183 
SN8 CAJ   HAJ    sing N N 184 
SN8 CAJ   HAJ1   sing N N 185 
SN8 CAL   CBE    sing N N 186 
SN8 CAL   HAL    sing N N 187 
SN8 CAL   HAL1   sing N N 188 
SN8 CAI   CAK    sing N N 189 
SN8 CAI   HAI    sing N N 190 
SN8 CAI   HAI1   sing N N 191 
SN8 CAK   CBE    sing N N 192 
SN8 CAK   HAK    sing N N 193 
SN8 CAK   HAK1   sing N N 194 
SN8 CBE   CAY    sing N N 195 
SN8 CBE   HBE    sing N N 196 
SN8 CAY   OAD    doub N N 197 
SN8 CAY   NAV    sing N N 198 
SN8 NAV   CBA    sing N N 199 
SN8 NAV   HAV    sing N N 200 
SN8 CBA   CAF    sing N N 201 
SN8 CBA   CAE    sing N N 202 
SN8 CBA   HBA    sing N N 203 
SN8 CAF   CAH    sing N N 204 
SN8 CAF   HAF    sing N N 205 
SN8 CAF   HAF1   sing N N 206 
SN8 CAH   CBB    sing N N 207 
SN8 CAH   HAH    sing N N 208 
SN8 CAH   HAH1   sing N N 209 
SN8 CAE   CAG    sing N N 210 
SN8 CAE   HAE    sing N N 211 
SN8 CAE   HAE1   sing N N 212 
SN8 CAG   CBB    sing N N 213 
SN8 CAG   HAG    sing N N 214 
SN8 CAG   HAG1   sing N N 215 
SN8 CBB   NAW    sing N N 216 
SN8 CBB   HBB    sing N N 217 
SN8 NAW   CBD    sing N N 218 
SN8 NAW   HAW    sing N N 219 
SN8 CBD   CAN    sing N N 220 
SN8 CBD   CAO    sing N N 221 
SN8 CBD   HBD    sing N N 222 
SN8 CAN   CAR    sing N N 223 
SN8 CAN   HAN    sing N N 224 
SN8 CAN   HAN1   sing N N 225 
SN8 CAR   NBI    sing N N 226 
SN8 CAR   HAR    sing N N 227 
SN8 CAR   HAR1   sing N N 228 
SN8 NBI   CAB    sing N N 229 
SN8 NBI   CAS    sing N N 230 
SN8 CAB   HAB1   sing N N 231 
SN8 CAB   HAB2   sing N N 232 
SN8 CAB   HAB3   sing N N 233 
SN8 CAS   CAO    sing N N 234 
SN8 CAS   HAS    sing N N 235 
SN8 CAS   HAS1   sing N N 236 
SN8 CAO   HAO    sing N N 237 
SN8 CAO   HAO1   sing N N 238 
# 
loop_
_ndb_struct_conf_na.entry_id 
_ndb_struct_conf_na.feature 
1ZPH 'double helix'        
1ZPH 'b-form double helix' 
# 
loop_
_ndb_struct_na_base_pair.model_number 
_ndb_struct_na_base_pair.i_label_asym_id 
_ndb_struct_na_base_pair.i_label_comp_id 
_ndb_struct_na_base_pair.i_label_seq_id 
_ndb_struct_na_base_pair.i_symmetry 
_ndb_struct_na_base_pair.j_label_asym_id 
_ndb_struct_na_base_pair.j_label_comp_id 
_ndb_struct_na_base_pair.j_label_seq_id 
_ndb_struct_na_base_pair.j_symmetry 
_ndb_struct_na_base_pair.shear 
_ndb_struct_na_base_pair.stretch 
_ndb_struct_na_base_pair.stagger 
_ndb_struct_na_base_pair.buckle 
_ndb_struct_na_base_pair.propeller 
_ndb_struct_na_base_pair.opening 
_ndb_struct_na_base_pair.pair_number 
_ndb_struct_na_base_pair.pair_name 
_ndb_struct_na_base_pair.i_auth_asym_id 
_ndb_struct_na_base_pair.i_auth_seq_id 
_ndb_struct_na_base_pair.i_PDB_ins_code 
_ndb_struct_na_base_pair.j_auth_asym_id 
_ndb_struct_na_base_pair.j_auth_seq_id 
_ndb_struct_na_base_pair.j_PDB_ins_code 
_ndb_struct_na_base_pair.hbond_type_28 
_ndb_struct_na_base_pair.hbond_type_12 
1 A DC 1  1_555 B DG 12 1_555 0.410  -0.275 -0.002 3.632  -14.891 -1.363 1  A_DC1:DG24_B  A 1  ? B 24 ? 19 1 
1 A DG 2  1_555 B DC 11 1_555 -0.406 -0.173 0.233  1.858  -12.895 -3.491 2  A_DG2:DC23_B  A 2  ? B 23 ? 19 1 
1 A DC 3  1_555 B DG 10 1_555 0.134  -0.142 0.186  -3.050 -6.747  -3.035 3  A_DC3:DG22_B  A 3  ? B 22 ? 19 1 
1 A DG 4  1_555 B DC 9  1_555 -0.363 -0.071 -0.158 8.564  -8.895  -2.027 4  A_DG4:DC21_B  A 4  ? B 21 ? 19 1 
1 A DA 5  1_555 B DT 8  1_555 0.200  -0.035 -0.260 4.536  -15.195 4.913  5  A_DA5:DT20_B  A 5  ? B 20 ? 20 1 
1 A DA 6  1_555 B DT 7  1_555 0.330  -0.120 -0.001 1.043  -17.685 4.060  6  A_DA6:DT19_B  A 6  ? B 19 ? 20 1 
1 A DT 7  1_555 B DA 6  1_555 -0.243 -0.144 -0.013 -3.323 -18.670 5.186  7  A_DT7:DA18_B  A 7  ? B 18 ? 20 1 
1 A DT 8  1_555 B DA 5  1_555 -0.032 -0.075 0.128  -6.149 -13.734 2.453  8  A_DT8:DA17_B  A 8  ? B 17 ? 20 1 
1 A DC 9  1_555 B DG 4  1_555 0.229  -0.176 0.015  -7.612 -12.942 0.629  9  A_DC9:DG16_B  A 9  ? B 16 ? 19 1 
1 A DG 10 1_555 B DC 3  1_555 -0.024 -0.166 0.210  10.181 -5.455  2.448  10 A_DG10:DC15_B A 10 ? B 15 ? 19 1 
1 A DC 11 1_555 B DG 2  1_555 -0.039 -0.168 0.662  1.443  -19.964 -2.495 11 A_DC11:DG14_B A 11 ? B 14 ? 19 1 
1 A DG 12 1_555 B DC 1  1_555 -0.574 -0.136 -0.525 5.363  21.655  -3.987 12 A_DG12:DC13_B A 12 ? B 13 ? 19 1 
# 
loop_
_ndb_struct_na_base_pair_step.model_number 
_ndb_struct_na_base_pair_step.i_label_asym_id_1 
_ndb_struct_na_base_pair_step.i_label_comp_id_1 
_ndb_struct_na_base_pair_step.i_label_seq_id_1 
_ndb_struct_na_base_pair_step.i_symmetry_1 
_ndb_struct_na_base_pair_step.j_label_asym_id_1 
_ndb_struct_na_base_pair_step.j_label_comp_id_1 
_ndb_struct_na_base_pair_step.j_label_seq_id_1 
_ndb_struct_na_base_pair_step.j_symmetry_1 
_ndb_struct_na_base_pair_step.i_label_asym_id_2 
_ndb_struct_na_base_pair_step.i_label_comp_id_2 
_ndb_struct_na_base_pair_step.i_label_seq_id_2 
_ndb_struct_na_base_pair_step.i_symmetry_2 
_ndb_struct_na_base_pair_step.j_label_asym_id_2 
_ndb_struct_na_base_pair_step.j_label_comp_id_2 
_ndb_struct_na_base_pair_step.j_label_seq_id_2 
_ndb_struct_na_base_pair_step.j_symmetry_2 
_ndb_struct_na_base_pair_step.shift 
_ndb_struct_na_base_pair_step.slide 
_ndb_struct_na_base_pair_step.rise 
_ndb_struct_na_base_pair_step.tilt 
_ndb_struct_na_base_pair_step.roll 
_ndb_struct_na_base_pair_step.twist 
_ndb_struct_na_base_pair_step.x_displacement 
_ndb_struct_na_base_pair_step.y_displacement 
_ndb_struct_na_base_pair_step.helical_rise 
_ndb_struct_na_base_pair_step.inclination 
_ndb_struct_na_base_pair_step.tip 
_ndb_struct_na_base_pair_step.helical_twist 
_ndb_struct_na_base_pair_step.step_number 
_ndb_struct_na_base_pair_step.step_name 
_ndb_struct_na_base_pair_step.i_auth_asym_id_1 
_ndb_struct_na_base_pair_step.i_auth_seq_id_1 
_ndb_struct_na_base_pair_step.i_PDB_ins_code_1 
_ndb_struct_na_base_pair_step.j_auth_asym_id_1 
_ndb_struct_na_base_pair_step.j_auth_seq_id_1 
_ndb_struct_na_base_pair_step.j_PDB_ins_code_1 
_ndb_struct_na_base_pair_step.i_auth_asym_id_2 
_ndb_struct_na_base_pair_step.i_auth_seq_id_2 
_ndb_struct_na_base_pair_step.i_PDB_ins_code_2 
_ndb_struct_na_base_pair_step.j_auth_asym_id_2 
_ndb_struct_na_base_pair_step.j_auth_seq_id_2 
_ndb_struct_na_base_pair_step.j_PDB_ins_code_2 
1 A DC 1  1_555 B DG 12 1_555 A DG 2  1_555 B DC 11 1_555 -0.169 0.177  3.295 -1.519 8.118   32.577 -1.045 0.040  3.249 14.189  
2.656   33.580 1  AA_DC1DG2:DC23DG24_BB   A 1  ? B 24 ? A 2  ? B 23 ? 
1 A DG 2  1_555 B DC 11 1_555 A DC 3  1_555 B DG 10 1_555 0.670  0.552  3.480 1.906  -6.775  40.042 1.590  -0.742 3.373 -9.803  
-2.758  40.631 2  AA_DG2DC3:DG22DC23_BB   A 2  ? B 23 ? A 3  ? B 22 ? 
1 A DC 3  1_555 B DG 10 1_555 A DG 4  1_555 B DC 9  1_555 -0.295 0.811  3.108 3.910  12.830  26.625 -1.116 1.395  3.092 25.877  
-7.886  29.758 3  AA_DC3DG4:DC21DG22_BB   A 3  ? B 22 ? A 4  ? B 21 ? 
1 A DG 4  1_555 B DC 9  1_555 A DA 5  1_555 B DT 8  1_555 0.214  0.188  3.374 0.397  2.378   41.190 0.002  -0.259 3.381 3.377   
-0.564  41.258 4  AA_DG4DA5:DT20DC21_BB   A 4  ? B 21 ? A 5  ? B 20 ? 
1 A DA 5  1_555 B DT 8  1_555 A DA 6  1_555 B DT 7  1_555 -0.012 -0.121 3.302 -2.472 3.954   33.936 -0.832 -0.372 3.260 6.735   
4.210   34.246 5  AA_DA5DA6:DT19DT20_BB   A 5  ? B 20 ? A 6  ? B 19 ? 
1 A DA 6  1_555 B DT 7  1_555 A DT 7  1_555 B DA 6  1_555 0.168  -0.648 3.219 1.067  0.659   30.206 -1.373 -0.110 3.208 1.264   
-2.046  30.231 6  AA_DA6DT7:DA18DT19_BB   A 6  ? B 19 ? A 7  ? B 18 ? 
1 A DT 7  1_555 B DA 6  1_555 A DT 8  1_555 B DA 5  1_555 0.108  -0.158 3.311 0.796  2.927   35.578 -0.685 -0.060 3.290 4.780   
-1.300  35.703 7  AA_DT7DT8:DA17DA18_BB   A 7  ? B 18 ? A 8  ? B 17 ? 
1 A DT 8  1_555 B DA 5  1_555 A DC 9  1_555 B DG 4  1_555 -0.329 0.270  3.329 0.985  -3.879  43.387 0.743  0.540  3.287 -5.233  
-1.329  43.563 8  AA_DT8DC9:DG16DA17_BB   A 8  ? B 17 ? A 9  ? B 16 ? 
1 A DC 9  1_555 B DG 4  1_555 A DG 10 1_555 B DC 3  1_555 0.549  1.224  3.089 -1.627 7.064   26.760 0.869  -1.535 3.261 14.918  
3.437   27.707 9  AA_DC9DG10:DC15DG16_BB  A 9  ? B 16 ? A 10 ? B 15 ? 
1 A DG 10 1_555 B DC 3  1_555 A DC 11 1_555 B DG 2  1_555 -1.112 0.601  3.687 -6.677 -10.163 40.776 2.000  0.766  3.576 -14.210 
9.336   42.476 10 AA_DG10DC11:DG14DC15_BB A 10 ? B 15 ? A 11 ? B 14 ? 
1 A DC 11 1_555 B DG 2  1_555 A DG 12 1_555 B DC 1  1_555 1.052  0.732  3.559 9.183  -11.929 35.966 2.689  -0.355 3.323 -18.360 
-14.134 38.893 11 AA_DC11DG12:DC13DG14_BB A 11 ? B 14 ? A 12 ? B 13 ? 
# 
_pdbx_initial_refinement_model.accession_code   436D 
_pdbx_initial_refinement_model.id               1 
_pdbx_initial_refinement_model.entity_id_list   ? 
_pdbx_initial_refinement_model.type             'experimental model' 
_pdbx_initial_refinement_model.source_name      PDB 
_pdbx_initial_refinement_model.details          'ndb entry BD0007' 
# 
_atom_sites.entry_id                    1ZPH 
_atom_sites.fract_transf_matrix[1][1]   0.00679032 
_atom_sites.fract_transf_matrix[1][2]   0.00200402 
_atom_sites.fract_transf_matrix[1][3]   -0.03957571 
_atom_sites.fract_transf_matrix[2][1]   0.01492622 
_atom_sites.fract_transf_matrix[2][2]   -0.02006801 
_atom_sites.fract_transf_matrix[2][3]   0.00154481 
_atom_sites.fract_transf_matrix[3][1]   -0.01195108 
_atom_sites.fract_transf_matrix[3][2]   -0.00908225 
_atom_sites.fract_transf_matrix[3][3]   -0.00251045 
_atom_sites.fract_transf_vector[1]      0.422229 
_atom_sites.fract_transf_vector[2]      0.025143 
_atom_sites.fract_transf_vector[3]      0.361893 
# 
loop_
_atom_type.symbol 
C  
MG 
N  
O  
P  
# 
loop_
_atom_site.group_PDB 
_atom_site.id 
_atom_site.type_symbol 
_atom_site.label_atom_id 
_atom_site.label_alt_id 
_atom_site.label_comp_id 
_atom_site.label_asym_id 
_atom_site.label_entity_id 
_atom_site.label_seq_id 
_atom_site.pdbx_PDB_ins_code 
_atom_site.Cartn_x 
_atom_site.Cartn_y 
_atom_site.Cartn_z 
_atom_site.occupancy 
_atom_site.B_iso_or_equiv 
_atom_site.pdbx_formal_charge 
_atom_site.auth_seq_id 
_atom_site.auth_comp_id 
_atom_site.auth_asym_id 
_atom_site.auth_atom_id 
_atom_site.pdbx_PDB_model_num 
ATOM   1   O  "O5'" . DC  A 1 1  ? 18.706  -2.113  8.637   1.00 43.72 ? 1  DC  A "O5'" 1 
ATOM   2   C  "C5'" . DC  A 1 1  ? 18.527  -0.912  7.953   1.00 51.12 ? 1  DC  A "C5'" 1 
ATOM   3   C  "C4'" . DC  A 1 1  ? 17.603  -0.034  8.759   1.00 35.77 ? 1  DC  A "C4'" 1 
ATOM   4   O  "O4'" . DC  A 1 1  ? 17.426  1.225   8.089   1.00 36.82 ? 1  DC  A "O4'" 1 
ATOM   5   C  "C3'" . DC  A 1 1  ? 16.200  -0.571  8.985   1.00 39.66 ? 1  DC  A "C3'" 1 
ATOM   6   O  "O3'" . DC  A 1 1  ? 15.760  -0.142  10.302  1.00 44.85 ? 1  DC  A "O3'" 1 
ATOM   7   C  "C2'" . DC  A 1 1  ? 15.402  0.050   7.852   1.00 39.74 ? 1  DC  A "C2'" 1 
ATOM   8   C  "C1'" . DC  A 1 1  ? 16.037  1.428   7.810   1.00 32.37 ? 1  DC  A "C1'" 1 
ATOM   9   N  N1    . DC  A 1 1  ? 16.033  2.186   6.541   1.00 33.36 ? 1  DC  A N1    1 
ATOM   10  C  C2    . DC  A 1 1  ? 15.883  3.593   6.592   1.00 35.59 ? 1  DC  A C2    1 
ATOM   11  O  O2    . DC  A 1 1  ? 15.681  4.132   7.687   1.00 32.18 ? 1  DC  A O2    1 
ATOM   12  N  N3    . DC  A 1 1  ? 15.927  4.310   5.452   1.00 32.53 ? 1  DC  A N3    1 
ATOM   13  C  C4    . DC  A 1 1  ? 16.180  3.683   4.307   1.00 31.30 ? 1  DC  A C4    1 
ATOM   14  N  N4    . DC  A 1 1  ? 16.216  4.432   3.189   1.00 34.88 ? 1  DC  A N4    1 
ATOM   15  C  C5    . DC  A 1 1  ? 16.358  2.257   4.252   1.00 26.23 ? 1  DC  A C5    1 
ATOM   16  C  C6    . DC  A 1 1  ? 16.296  1.558   5.371   1.00 32.06 ? 1  DC  A C6    1 
ATOM   17  P  P     . DG  A 1 2  ? 14.502  -0.832  10.946  1.00 45.98 ? 2  DG  A P     1 
ATOM   18  O  OP1   . DG  A 1 2  ? 14.780  -0.981  12.391  1.00 58.41 ? 2  DG  A OP1   1 
ATOM   19  O  OP2   . DG  A 1 2  ? 14.055  -1.957  10.093  1.00 43.89 ? 2  DG  A OP2   1 
ATOM   20  O  "O5'" . DG  A 1 2  ? 13.390  0.269   10.785  1.00 49.42 ? 2  DG  A "O5'" 1 
ATOM   21  C  "C5'" . DG  A 1 2  ? 13.639  1.492   11.398  1.00 54.41 ? 2  DG  A "C5'" 1 
ATOM   22  C  "C4'" . DG  A 1 2  ? 12.437  2.362   11.269  1.00 35.73 ? 2  DG  A "C4'" 1 
ATOM   23  O  "O4'" . DG  A 1 2  ? 12.511  3.062   10.001  1.00 38.04 ? 2  DG  A "O4'" 1 
ATOM   24  C  "C3'" . DG  A 1 2  ? 11.111  1.628   11.274  1.00 25.17 ? 2  DG  A "C3'" 1 
ATOM   25  O  "O3'" . DG  A 1 2  ? 10.174  2.409   12.079  1.00 46.72 ? 2  DG  A "O3'" 1 
ATOM   26  C  "C2'" . DG  A 1 2  ? 10.792  1.584   9.784   1.00 27.89 ? 2  DG  A "C2'" 1 
ATOM   27  C  "C1'" . DG  A 1 2  ? 11.334  2.888   9.283   1.00 32.96 ? 2  DG  A "C1'" 1 
ATOM   28  N  N9    . DG  A 1 2  ? 11.741  2.896   7.871   1.00 33.50 ? 2  DG  A N9    1 
ATOM   29  C  C8    . DG  A 1 2  ? 12.170  1.840   7.153   1.00 33.04 ? 2  DG  A C8    1 
ATOM   30  N  N7    . DG  A 1 2  ? 12.494  2.163   5.913   1.00 26.17 ? 2  DG  A N7    1 
ATOM   31  C  C5    . DG  A 1 2  ? 12.277  3.524   5.863   1.00 27.71 ? 2  DG  A C5    1 
ATOM   32  C  C6    . DG  A 1 2  ? 12.479  4.430   4.820   1.00 35.43 ? 2  DG  A C6    1 
ATOM   33  O  O6    . DG  A 1 2  ? 12.910  4.190   3.674   1.00 34.32 ? 2  DG  A O6    1 
ATOM   34  N  N1    . DG  A 1 2  ? 12.141  5.715   5.173   1.00 30.11 ? 2  DG  A N1    1 
ATOM   35  C  C2    . DG  A 1 2  ? 11.685  6.082   6.388   1.00 37.27 ? 2  DG  A C2    1 
ATOM   36  N  N2    . DG  A 1 2  ? 11.393  7.383   6.520   1.00 30.09 ? 2  DG  A N2    1 
ATOM   37  N  N3    . DG  A 1 2  ? 11.511  5.245   7.386   1.00 32.64 ? 2  DG  A N3    1 
ATOM   38  C  C4    . DG  A 1 2  ? 11.828  3.989   7.058   1.00 34.76 ? 2  DG  A C4    1 
ATOM   39  P  P     . DC  A 1 3  ? 8.746   1.866   12.529  1.00 44.45 ? 3  DC  A P     1 
ATOM   40  O  OP1   . DC  A 1 3  ? 8.582   2.125   13.974  1.00 45.50 ? 3  DC  A OP1   1 
ATOM   41  O  OP2   . DC  A 1 3  ? 8.476   0.540   11.988  1.00 46.92 ? 3  DC  A OP2   1 
ATOM   42  O  "O5'" . DC  A 1 3  ? 7.817   2.858   11.719  1.00 40.69 ? 3  DC  A "O5'" 1 
ATOM   43  C  "C5'" . DC  A 1 3  ? 7.938   4.234   12.019  1.00 42.49 ? 3  DC  A "C5'" 1 
ATOM   44  C  "C4'" . DC  A 1 3  ? 7.489   5.066   10.854  1.00 35.04 ? 3  DC  A "C4'" 1 
ATOM   45  O  "O4'" . DC  A 1 3  ? 8.346   4.793   9.725   1.00 40.49 ? 3  DC  A "O4'" 1 
ATOM   46  C  "C3'" . DC  A 1 3  ? 6.063   4.766   10.437  1.00 43.24 ? 3  DC  A "C3'" 1 
ATOM   47  O  "O3'" . DC  A 1 3  ? 5.174   5.674   11.051  1.00 46.49 ? 3  DC  A "O3'" 1 
ATOM   48  C  "C2'" . DC  A 1 3  ? 6.098   4.904   8.930   1.00 39.18 ? 3  DC  A "C2'" 1 
ATOM   49  C  "C1'" . DC  A 1 3  ? 7.580   5.093   8.565   1.00 40.10 ? 3  DC  A "C1'" 1 
ATOM   50  N  N1    . DC  A 1 3  ? 8.017   4.213   7.471   1.00 35.44 ? 3  DC  A N1    1 
ATOM   51  C  C2    . DC  A 1 3  ? 8.380   4.767   6.240   1.00 29.67 ? 3  DC  A C2    1 
ATOM   52  O  O2    . DC  A 1 3  ? 8.312   6.005   6.088   1.00 32.72 ? 3  DC  A O2    1 
ATOM   53  N  N3    . DC  A 1 3  ? 8.745   3.924   5.241   1.00 39.19 ? 3  DC  A N3    1 
ATOM   54  C  C4    . DC  A 1 3  ? 8.807   2.602   5.456   1.00 36.47 ? 3  DC  A C4    1 
ATOM   55  N  N4    . DC  A 1 3  ? 9.235   1.789   4.446   1.00 34.13 ? 3  DC  A N4    1 
ATOM   56  C  C5    . DC  A 1 3  ? 8.425   2.031   6.689   1.00 37.12 ? 3  DC  A C5    1 
ATOM   57  C  C6    . DC  A 1 3  ? 8.051   2.864   7.664   1.00 39.91 ? 3  DC  A C6    1 
ATOM   58  P  P     . DG  A 1 4  ? 3.597   5.498   10.907  1.00 46.15 ? 4  DG  A P     1 
ATOM   59  O  OP1   . DG  A 1 4  ? 2.962   6.054   12.118  1.00 71.16 ? 4  DG  A OP1   1 
ATOM   60  O  OP2   . DG  A 1 4  ? 3.289   4.128   10.535  1.00 40.37 ? 4  DG  A OP2   1 
ATOM   61  O  "O5'" . DG  A 1 4  ? 3.300   6.401   9.660   1.00 47.05 ? 4  DG  A "O5'" 1 
ATOM   62  C  "C5'" . DG  A 1 4  ? 3.194   7.765   9.823   1.00 48.50 ? 4  DG  A "C5'" 1 
ATOM   63  C  "C4'" . DG  A 1 4  ? 3.024   8.393   8.480   1.00 56.73 ? 4  DG  A "C4'" 1 
ATOM   64  O  "O4'" . DG  A 1 4  ? 3.909   7.739   7.523   1.00 47.33 ? 4  DG  A "O4'" 1 
ATOM   65  C  "C3'" . DG  A 1 4  ? 1.625   8.243   7.908   1.00 44.37 ? 4  DG  A "C3'" 1 
ATOM   66  O  "O3'" . DG  A 1 4  ? 1.368   9.370   7.113   1.00 53.94 ? 4  DG  A "O3'" 1 
ATOM   67  C  "C2'" . DG  A 1 4  ? 1.749   6.944   7.098   1.00 47.92 ? 4  DG  A "C2'" 1 
ATOM   68  C  "C1'" . DG  A 1 4  ? 3.132   7.115   6.500   1.00 41.59 ? 4  DG  A "C1'" 1 
ATOM   69  N  N9    . DG  A 1 4  ? 3.783   5.881   6.085   1.00 40.50 ? 4  DG  A N9    1 
ATOM   70  C  C8    . DG  A 1 4  ? 3.781   4.682   6.747   1.00 36.88 ? 4  DG  A C8    1 
ATOM   71  N  N7    . DG  A 1 4  ? 4.457   3.750   6.150   1.00 35.26 ? 4  DG  A N7    1 
ATOM   72  C  C5    . DG  A 1 4  ? 4.907   4.341   4.984   1.00 37.44 ? 4  DG  A C5    1 
ATOM   73  C  C6    . DG  A 1 4  ? 5.707   3.782   3.948   1.00 34.93 ? 4  DG  A C6    1 
ATOM   74  O  O6    . DG  A 1 4  ? 6.164   2.634   3.852   1.00 44.30 ? 4  DG  A O6    1 
ATOM   75  N  N1    . DG  A 1 4  ? 5.969   4.693   2.970   1.00 36.73 ? 4  DG  A N1    1 
ATOM   76  C  C2    . DG  A 1 4  ? 5.500   6.008   2.969   1.00 28.52 ? 4  DG  A C2    1 
ATOM   77  N  N2    . DG  A 1 4  ? 5.889   6.726   1.905   1.00 36.94 ? 4  DG  A N2    1 
ATOM   78  N  N3    . DG  A 1 4  ? 4.782   6.565   3.942   1.00 40.67 ? 4  DG  A N3    1 
ATOM   79  C  C4    . DG  A 1 4  ? 4.513   5.667   4.923   1.00 30.28 ? 4  DG  A C4    1 
ATOM   80  P  P     . DA  A 1 5  ? -0.023  9.548   6.365   1.00 48.46 ? 5  DA  A P     1 
ATOM   81  O  OP1   . DA  A 1 5  ? -0.479  10.915  6.599   1.00 47.01 ? 5  DA  A OP1   1 
ATOM   82  O  OP2   . DA  A 1 5  ? -0.874  8.394   6.722   1.00 47.44 ? 5  DA  A OP2   1 
ATOM   83  O  "O5'" . DA  A 1 5  ? 0.400   9.420   4.824   1.00 38.74 ? 5  DA  A "O5'" 1 
ATOM   84  C  "C5'" . DA  A 1 5  ? 1.317   10.310  4.340   1.00 34.82 ? 5  DA  A "C5'" 1 
ATOM   85  C  "C4'" . DA  A 1 5  ? 1.514   10.085  2.882   1.00 44.73 ? 5  DA  A "C4'" 1 
ATOM   86  O  "O4'" . DA  A 1 5  ? 2.078   8.768   2.714   1.00 38.45 ? 5  DA  A "O4'" 1 
ATOM   87  C  "C3'" . DA  A 1 5  ? 0.222   10.120  2.101   1.00 36.76 ? 5  DA  A "C3'" 1 
ATOM   88  O  "O3'" . DA  A 1 5  ? 0.451   10.885  0.922   1.00 37.27 ? 5  DA  A "O3'" 1 
ATOM   89  C  "C2'" . DA  A 1 5  ? -0.086  8.629   1.879   1.00 43.84 ? 5  DA  A "C2'" 1 
ATOM   90  C  "C1'" . DA  A 1 5  ? 1.289   7.964   1.875   1.00 39.05 ? 5  DA  A "C1'" 1 
ATOM   91  N  N9    . DA  A 1 5  ? 1.404   6.621   2.458   1.00 34.79 ? 5  DA  A N9    1 
ATOM   92  C  C8    . DA  A 1 5  ? 0.872   6.175   3.644   1.00 42.76 ? 5  DA  A C8    1 
ATOM   93  N  N7    . DA  A 1 5  ? 1.193   4.924   3.928   1.00 35.78 ? 5  DA  A N7    1 
ATOM   94  C  C5    . DA  A 1 5  ? 1.995   4.532   2.877   1.00 35.98 ? 5  DA  A C5    1 
ATOM   95  C  C6    . DA  A 1 5  ? 2.671   3.319   2.578   1.00 40.80 ? 5  DA  A C6    1 
ATOM   96  N  N6    . DA  A 1 5  ? 2.646   2.246   3.334   1.00 33.83 ? 5  DA  A N6    1 
ATOM   97  N  N1    . DA  A 1 5  ? 3.389   3.264   1.457   1.00 38.45 ? 5  DA  A N1    1 
ATOM   98  C  C2    . DA  A 1 5  ? 3.438   4.327   0.650   1.00 36.63 ? 5  DA  A C2    1 
ATOM   99  N  N3    . DA  A 1 5  ? 2.859   5.530   0.802   1.00 35.28 ? 5  DA  A N3    1 
ATOM   100 C  C4    . DA  A 1 5  ? 2.148   5.561   1.972   1.00 31.14 ? 5  DA  A C4    1 
ATOM   101 P  P     . DA  A 1 6  ? -0.647  11.000  -0.199  1.00 43.19 ? 6  DA  A P     1 
ATOM   102 O  OP1   . DA  A 1 6  ? -0.313  12.241  -1.004  1.00 41.85 ? 6  DA  A OP1   1 
ATOM   103 O  OP2   . DA  A 1 6  ? -1.947  10.751  0.402   1.00 40.77 ? 6  DA  A OP2   1 
ATOM   104 O  "O5'" . DA  A 1 6  ? -0.383  9.719   -1.113  1.00 35.64 ? 6  DA  A "O5'" 1 
ATOM   105 C  "C5'" . DA  A 1 6  ? 0.769   9.630   -1.927  1.00 36.84 ? 6  DA  A "C5'" 1 
ATOM   106 C  "C4'" . DA  A 1 6  ? 0.714   8.313   -2.701  1.00 37.75 ? 6  DA  A "C4'" 1 
ATOM   107 O  "O4'" . DA  A 1 6  ? 0.842   7.178   -1.799  1.00 37.46 ? 6  DA  A "O4'" 1 
ATOM   108 C  "C3'" . DA  A 1 6  ? -0.600  8.150   -3.449  1.00 32.40 ? 6  DA  A "C3'" 1 
ATOM   109 O  "O3'" . DA  A 1 6  ? -0.284  8.175   -4.856  1.00 29.32 ? 6  DA  A "O3'" 1 
ATOM   110 C  "C2'" . DA  A 1 6  ? -1.212  6.854   -2.900  1.00 39.33 ? 6  DA  A "C2'" 1 
ATOM   111 C  "C1'" . DA  A 1 6  ? -0.030  6.141   -2.250  1.00 32.35 ? 6  DA  A "C1'" 1 
ATOM   112 N  N9    . DA  A 1 6  ? -0.358  5.357   -1.059  1.00 25.12 ? 6  DA  A N9    1 
ATOM   113 C  C8    . DA  A 1 6  ? -1.109  5.701   0.018   1.00 41.37 ? 6  DA  A C8    1 
ATOM   114 N  N7    . DA  A 1 6  ? -1.143  4.764   0.931   1.00 31.43 ? 6  DA  A N7    1 
ATOM   115 C  C5    . DA  A 1 6  ? -0.412  3.714   0.365   1.00 32.09 ? 6  DA  A C5    1 
ATOM   116 C  C6    . DA  A 1 6  ? -0.068  2.407   0.799   1.00 39.39 ? 6  DA  A C6    1 
ATOM   117 N  N6    . DA  A 1 6  ? -0.450  1.868   1.949   1.00 32.87 ? 6  DA  A N6    1 
ATOM   118 N  N1    . DA  A 1 6  ? 0.676   1.667   -0.003  1.00 34.90 ? 6  DA  A N1    1 
ATOM   119 C  C2    . DA  A 1 6  ? 1.092   2.166   -1.171  1.00 39.22 ? 6  DA  A C2    1 
ATOM   120 N  N3    . DA  A 1 6  ? 0.851   3.343   -1.680  1.00 37.46 ? 6  DA  A N3    1 
ATOM   121 C  C4    . DA  A 1 6  ? 0.094   4.083   -0.832  1.00 28.31 ? 6  DA  A C4    1 
ATOM   122 P  P     . DT  A 1 7  ? -1.314  7.809   -5.983  1.00 35.14 ? 7  DT  A P     1 
ATOM   123 O  OP1   . DT  A 1 7  ? -0.760  8.406   -7.193  1.00 32.23 ? 7  DT  A OP1   1 
ATOM   124 O  OP2   . DT  A 1 7  ? -2.673  8.141   -5.566  1.00 33.50 ? 7  DT  A OP2   1 
ATOM   125 O  "O5'" . DT  A 1 7  ? -1.246  6.225   -6.133  1.00 39.56 ? 7  DT  A "O5'" 1 
ATOM   126 C  "C5'" . DT  A 1 7  ? -0.065  5.595   -6.524  1.00 28.73 ? 7  DT  A "C5'" 1 
ATOM   127 C  "C4'" . DT  A 1 7  ? -0.211  4.106   -6.313  1.00 27.21 ? 7  DT  A "C4'" 1 
ATOM   128 O  "O4'" . DT  A 1 7  ? -0.504  3.810   -4.945  1.00 36.03 ? 7  DT  A "O4'" 1 
ATOM   129 C  "C3'" . DT  A 1 7  ? -1.318  3.467   -7.127  1.00 33.46 ? 7  DT  A "C3'" 1 
ATOM   130 O  "O3'" . DT  A 1 7  ? -0.694  2.655   -8.108  1.00 42.85 ? 7  DT  A "O3'" 1 
ATOM   131 C  "C2'" . DT  A 1 7  ? -2.147  2.673   -6.115  1.00 41.13 ? 7  DT  A "C2'" 1 
ATOM   132 C  "C1'" . DT  A 1 7  ? -1.197  2.580   -4.947  1.00 33.99 ? 7  DT  A "C1'" 1 
ATOM   133 N  N1    . DT  A 1 7  ? -1.813  2.403   -3.629  1.00 33.85 ? 7  DT  A N1    1 
ATOM   134 C  C2    . DT  A 1 7  ? -1.575  1.246   -2.964  1.00 40.30 ? 7  DT  A C2    1 
ATOM   135 O  O2    . DT  A 1 7  ? -0.891  0.366   -3.455  1.00 39.87 ? 7  DT  A O2    1 
ATOM   136 N  N3    . DT  A 1 7  ? -2.174  1.154   -1.725  1.00 35.83 ? 7  DT  A N3    1 
ATOM   137 C  C4    . DT  A 1 7  ? -2.975  2.115   -1.143  1.00 35.59 ? 7  DT  A C4    1 
ATOM   138 O  O4    . DT  A 1 7  ? -3.455  2.024   -0.016  1.00 33.90 ? 7  DT  A O4    1 
ATOM   139 C  C5    . DT  A 1 7  ? -3.183  3.306   -1.896  1.00 25.56 ? 7  DT  A C5    1 
ATOM   140 C  C7    . DT  A 1 7  ? -4.202  4.278   -1.382  1.00 31.65 ? 7  DT  A C7    1 
ATOM   141 C  C6    . DT  A 1 7  ? -2.629  3.394   -3.106  1.00 34.23 ? 7  DT  A C6    1 
ATOM   142 P  P     . DT  A 1 8  ? -1.486  2.062   -9.326  1.00 41.62 ? 8  DT  A P     1 
ATOM   143 O  OP1   . DT  A 1 8  ? -0.531  1.909   -10.435 1.00 41.62 ? 8  DT  A OP1   1 
ATOM   144 O  OP2   . DT  A 1 8  ? -2.754  2.800   -9.495  1.00 39.92 ? 8  DT  A OP2   1 
ATOM   145 O  "O5'" . DT  A 1 8  ? -1.877  0.636   -8.771  1.00 38.88 ? 8  DT  A "O5'" 1 
ATOM   146 C  "C5'" . DT  A 1 8  ? -0.825  -0.251  -8.441  1.00 34.06 ? 8  DT  A "C5'" 1 
ATOM   147 C  "C4'" . DT  A 1 8  ? -1.445  -1.445  -7.766  1.00 38.42 ? 8  DT  A "C4'" 1 
ATOM   148 O  "O4'" . DT  A 1 8  ? -1.965  -1.017  -6.526  1.00 37.64 ? 8  DT  A "O4'" 1 
ATOM   149 C  "C3'" . DT  A 1 8  ? -2.622  -2.080  -8.517  1.00 46.36 ? 8  DT  A "C3'" 1 
ATOM   150 O  "O3'" . DT  A 1 8  ? -2.168  -3.374  -8.917  1.00 67.53 ? 8  DT  A "O3'" 1 
ATOM   151 C  "C2'" . DT  A 1 8  ? -3.774  -2.089  -7.526  1.00 55.06 ? 8  DT  A "C2'" 1 
ATOM   152 C  "C1'" . DT  A 1 8  ? -3.069  -1.821  -6.206  1.00 43.13 ? 8  DT  A "C1'" 1 
ATOM   153 N  N1    . DT  A 1 8  ? -3.845  -1.142  -5.151  1.00 41.60 ? 8  DT  A N1    1 
ATOM   154 C  C2    . DT  A 1 8  ? -3.978  -1.788  -3.951  1.00 36.34 ? 8  DT  A C2    1 
ATOM   155 O  O2    . DT  A 1 8  ? -3.510  -2.887  -3.727  1.00 52.39 ? 8  DT  A O2    1 
ATOM   156 N  N3    . DT  A 1 8  ? -4.688  -1.106  -2.984  1.00 42.22 ? 8  DT  A N3    1 
ATOM   157 C  C4    . DT  A 1 8  ? -5.281  0.137   -3.092  1.00 29.77 ? 8  DT  A C4    1 
ATOM   158 O  O4    . DT  A 1 8  ? -5.882  0.632   -2.115  1.00 36.98 ? 8  DT  A O4    1 
ATOM   159 C  C5    . DT  A 1 8  ? -5.106  0.794   -4.382  1.00 33.26 ? 8  DT  A C5    1 
ATOM   160 C  C7    . DT  A 1 8  ? -5.650  2.166   -4.630  1.00 42.03 ? 8  DT  A C7    1 
ATOM   161 C  C6    . DT  A 1 8  ? -4.400  0.136   -5.339  1.00 36.50 ? 8  DT  A C6    1 
ATOM   162 P  P     . DC  A 1 9  ? -3.038  -4.430  -9.717  1.00 49.19 ? 9  DC  A P     1 
ATOM   163 O  OP1   . DC  A 1 9  ? -2.114  -5.083  -10.668 1.00 71.25 ? 9  DC  A OP1   1 
ATOM   164 O  OP2   . DC  A 1 9  ? -4.307  -3.856  -10.184 1.00 51.73 ? 9  DC  A OP2   1 
ATOM   165 O  "O5'" . DC  A 1 9  ? -3.397  -5.465  -8.571  1.00 54.97 ? 9  DC  A "O5'" 1 
ATOM   166 C  "C5'" . DC  A 1 9  ? -2.339  -5.957  -7.754  1.00 59.90 ? 9  DC  A "C5'" 1 
ATOM   167 C  "C4'" . DC  A 1 9  ? -2.878  -6.910  -6.716  1.00 65.18 ? 9  DC  A "C4'" 1 
ATOM   168 O  "O4'" . DC  A 1 9  ? -3.498  -6.141  -5.673  1.00 50.42 ? 9  DC  A "O4'" 1 
ATOM   169 C  "C3'" . DC  A 1 9  ? -3.931  -7.877  -7.237  1.00 47.72 ? 9  DC  A "C3'" 1 
ATOM   170 O  "O3'" . DC  A 1 9  ? -3.550  -9.197  -6.936  1.00 86.49 ? 9  DC  A "O3'" 1 
ATOM   171 C  "C2'" . DC  A 1 9  ? -5.228  -7.497  -6.538  1.00 58.77 ? 9  DC  A "C2'" 1 
ATOM   172 C  "C1'" . DC  A 1 9  ? -4.771  -6.666  -5.351  1.00 48.01 ? 9  DC  A "C1'" 1 
ATOM   173 N  N1    . DC  A 1 9  ? -5.634  -5.487  -5.056  1.00 52.79 ? 9  DC  A N1    1 
ATOM   174 C  C2    . DC  A 1 9  ? -6.145  -5.252  -3.765  1.00 53.43 ? 9  DC  A C2    1 
ATOM   175 O  O2    . DC  A 1 9  ? -5.912  -6.045  -2.827  1.00 47.49 ? 9  DC  A O2    1 
ATOM   176 N  N3    . DC  A 1 9  ? -6.908  -4.144  -3.576  1.00 44.41 ? 9  DC  A N3    1 
ATOM   177 C  C4    . DC  A 1 9  ? -7.147  -3.298  -4.575  1.00 34.06 ? 9  DC  A C4    1 
ATOM   178 N  N4    . DC  A 1 9  ? -7.889  -2.241  -4.320  1.00 37.68 ? 9  DC  A N4    1 
ATOM   179 C  C5    . DC  A 1 9  ? -6.653  -3.532  -5.884  1.00 41.03 ? 9  DC  A C5    1 
ATOM   180 C  C6    . DC  A 1 9  ? -5.900  -4.617  -6.066  1.00 46.92 ? 9  DC  A C6    1 
ATOM   181 P  P     . DG  A 1 10 ? -4.214  -10.423 -7.712  1.00 75.48 ? 10 DG  A P     1 
ATOM   182 O  OP1   . DG  A 1 10 ? -3.197  -11.490 -7.732  1.00 75.97 ? 10 DG  A OP1   1 
ATOM   183 O  OP2   . DG  A 1 10 ? -4.871  -9.968  -8.961  1.00 56.20 ? 10 DG  A OP2   1 
ATOM   184 O  "O5'" . DG  A 1 10 ? -5.408  -10.836 -6.752  1.00 54.54 ? 10 DG  A "O5'" 1 
ATOM   185 C  "C5'" . DG  A 1 10 ? -5.168  -11.234 -5.434  1.00 65.65 ? 10 DG  A "C5'" 1 
ATOM   186 C  "C4'" . DG  A 1 10 ? -6.486  -11.251 -4.693  1.00 63.81 ? 10 DG  A "C4'" 1 
ATOM   187 O  "O4'" . DG  A 1 10 ? -7.011  -9.900  -4.653  1.00 45.84 ? 10 DG  A "O4'" 1 
ATOM   188 C  "C3'" . DG  A 1 10 ? -7.595  -12.084 -5.338  1.00 45.02 ? 10 DG  A "C3'" 1 
ATOM   189 O  "O3'" . DG  A 1 10 ? -8.344  -12.677 -4.340  1.00 66.75 ? 10 DG  A "O3'" 1 
ATOM   190 C  "C2'" . DG  A 1 10 ? -8.425  -11.051 -6.076  1.00 53.24 ? 10 DG  A "C2'" 1 
ATOM   191 C  "C1'" . DG  A 1 10 ? -8.362  -9.934  -5.067  1.00 42.21 ? 10 DG  A "C1'" 1 
ATOM   192 N  N9    . DG  A 1 10 ? -8.709  -8.610  -5.546  1.00 52.23 ? 10 DG  A N9    1 
ATOM   193 C  C8    . DG  A 1 10 ? -8.555  -8.074  -6.804  1.00 50.63 ? 10 DG  A C8    1 
ATOM   194 N  N7    . DG  A 1 10 ? -8.924  -6.822  -6.870  1.00 54.64 ? 10 DG  A N7    1 
ATOM   195 C  C5    . DG  A 1 10 ? -9.338  -6.526  -5.573  1.00 42.37 ? 10 DG  A C5    1 
ATOM   196 C  C6    . DG  A 1 10 ? -9.885  -5.340  -5.019  1.00 46.71 ? 10 DG  A C6    1 
ATOM   197 O  O6    . DG  A 1 10 ? -10.091 -4.252  -5.567  1.00 45.11 ? 10 DG  A O6    1 
ATOM   198 N  N1    . DG  A 1 10 ? -10.141 -5.484  -3.659  1.00 37.15 ? 10 DG  A N1    1 
ATOM   199 C  C2    . DG  A 1 10 ? -9.965  -6.655  -2.942  1.00 46.59 ? 10 DG  A C2    1 
ATOM   200 N  N2    . DG  A 1 10 ? -10.292 -6.639  -1.650  1.00 36.16 ? 10 DG  A N2    1 
ATOM   201 N  N3    . DG  A 1 10 ? -9.462  -7.754  -3.443  1.00 40.88 ? 10 DG  A N3    1 
ATOM   202 C  C4    . DG  A 1 10 ? -9.199  -7.624  -4.762  1.00 49.97 ? 10 DG  A C4    1 
ATOM   203 P  P     . DC  A 1 11 ? -8.365  -14.253 -4.111  1.00 56.63 ? 11 DC  A P     1 
ATOM   204 O  OP1   . DC  A 1 11 ? -6.979  -14.743 -4.051  1.00 70.93 ? 11 DC  A OP1   1 
ATOM   205 O  OP2   . DC  A 1 11 ? -9.321  -14.790 -5.100  1.00 55.44 ? 11 DC  A OP2   1 
ATOM   206 O  "O5'" . DC  A 1 11 ? -8.991  -14.312 -2.638  1.00 52.10 ? 11 DC  A "O5'" 1 
ATOM   207 C  "C5'" . DC  A 1 11 ? -8.263  -13.663 -1.596  1.00 54.33 ? 11 DC  A "C5'" 1 
ATOM   208 C  "C4'" . DC  A 1 11 ? -9.175  -12.934 -0.633  1.00 62.30 ? 11 DC  A "C4'" 1 
ATOM   209 O  "O4'" . DC  A 1 11 ? -9.723  -11.741 -1.245  1.00 65.22 ? 11 DC  A "O4'" 1 
ATOM   210 C  "C3'" . DC  A 1 11 ? -10.380 -13.711 -0.164  1.00 55.89 ? 11 DC  A "C3'" 1 
ATOM   211 O  "O3'" . DC  A 1 11 ? -10.598 -13.336 1.172   1.00 66.07 ? 11 DC  A "O3'" 1 
ATOM   212 C  "C2'" . DC  A 1 11 ? -11.500 -13.233 -1.085  1.00 68.12 ? 11 DC  A "C2'" 1 
ATOM   213 C  "C1'" . DC  A 1 11 ? -11.142 -11.766 -1.204  1.00 53.21 ? 11 DC  A "C1'" 1 
ATOM   214 N  N1    . DC  A 1 11 ? -11.572 -11.051 -2.432  1.00 43.27 ? 11 DC  A N1    1 
ATOM   215 C  C2    . DC  A 1 11 ? -12.222 -9.809  -2.336  1.00 49.63 ? 11 DC  A C2    1 
ATOM   216 O  O2    . DC  A 1 11 ? -12.498 -9.348  -1.255  1.00 39.55 ? 11 DC  A O2    1 
ATOM   217 N  N3    . DC  A 1 11 ? -12.563 -9.153  -3.451  1.00 36.74 ? 11 DC  A N3    1 
ATOM   218 C  C4    . DC  A 1 11 ? -12.277 -9.647  -4.621  1.00 53.55 ? 11 DC  A C4    1 
ATOM   219 N  N4    . DC  A 1 11 ? -12.637 -8.919  -5.645  1.00 39.02 ? 11 DC  A N4    1 
ATOM   220 C  C5    . DC  A 1 11 ? -11.611 -10.898 -4.780  1.00 60.11 ? 11 DC  A C5    1 
ATOM   221 C  C6    . DC  A 1 11 ? -11.260 -11.553 -3.659  1.00 43.34 ? 11 DC  A C6    1 
ATOM   222 P  P     . DG  A 1 12 ? -11.473 -14.221 2.150   1.00 80.17 ? 12 DG  A P     1 
ATOM   223 O  OP1   . DG  A 1 12 ? -11.028 -13.857 3.513   1.00 53.91 ? 12 DG  A OP1   1 
ATOM   224 O  OP2   . DG  A 1 12 ? -11.455 -15.625 1.678   1.00 72.20 ? 12 DG  A OP2   1 
ATOM   225 O  "O5'" . DG  A 1 12 ? -12.940 -13.652 1.934   1.00 71.87 ? 12 DG  A "O5'" 1 
ATOM   226 C  "C5'" . DG  A 1 12 ? -13.401 -12.588 2.722   1.00 55.12 ? 12 DG  A "C5'" 1 
ATOM   227 C  "C4'" . DG  A 1 12 ? -14.807 -12.242 2.304   1.00 61.44 ? 12 DG  A "C4'" 1 
ATOM   228 O  "O4'" . DG  A 1 12 ? -14.774 -11.722 0.969   1.00 38.17 ? 12 DG  A "O4'" 1 
ATOM   229 C  "C3'" . DG  A 1 12 ? -15.767 -13.424 2.258   1.00 47.17 ? 12 DG  A "C3'" 1 
ATOM   230 O  "O3'" . DG  A 1 12 ? -16.722 -13.241 3.264   1.00 47.19 ? 12 DG  A "O3'" 1 
ATOM   231 C  "C2'" . DG  A 1 12 ? -16.368 -13.412 0.843   1.00 55.19 ? 12 DG  A "C2'" 1 
ATOM   232 C  "C1'" . DG  A 1 12 ? -15.965 -12.054 0.299   1.00 41.33 ? 12 DG  A "C1'" 1 
ATOM   233 N  N9    . DG  A 1 12 ? -15.667 -11.989 -1.142  1.00 44.08 ? 12 DG  A N9    1 
ATOM   234 C  C8    . DG  A 1 12 ? -15.093 -12.967 -1.921  1.00 53.76 ? 12 DG  A C8    1 
ATOM   235 N  N7    . DG  A 1 12 ? -14.936 -12.613 -3.160  1.00 50.71 ? 12 DG  A N7    1 
ATOM   236 C  C5    . DG  A 1 12 ? -15.422 -11.317 -3.221  1.00 49.43 ? 12 DG  A C5    1 
ATOM   237 C  C6    . DG  A 1 12 ? -15.506 -10.408 -4.319  1.00 49.39 ? 12 DG  A C6    1 
ATOM   238 O  O6    . DG  A 1 12 ? -15.186 -10.586 -5.506  1.00 53.46 ? 12 DG  A O6    1 
ATOM   239 N  N1    . DG  A 1 12 ? -16.060 -9.180  -3.933  1.00 40.25 ? 12 DG  A N1    1 
ATOM   240 C  C2    . DG  A 1 12 ? -16.528 -8.907  -2.660  1.00 36.56 ? 12 DG  A C2    1 
ATOM   241 N  N2    . DG  A 1 12 ? -17.059 -7.692  -2.465  1.00 38.36 ? 12 DG  A N2    1 
ATOM   242 N  N3    . DG  A 1 12 ? -16.442 -9.740  -1.632  1.00 42.52 ? 12 DG  A N3    1 
ATOM   243 C  C4    . DG  A 1 12 ? -15.873 -10.917 -1.981  1.00 51.34 ? 12 DG  A C4    1 
ATOM   244 O  "O5'" . DC  B 1 1  ? -21.044 -1.662  -9.243  1.00 77.79 ? 13 DC  B "O5'" 1 
ATOM   245 C  "C5'" . DC  B 1 1  ? -20.051 -2.684  -9.074  1.00 66.87 ? 13 DC  B "C5'" 1 
ATOM   246 C  "C4'" . DC  B 1 1  ? -19.449 -2.641  -7.678  1.00 51.47 ? 13 DC  B "C4'" 1 
ATOM   247 O  "O4'" . DC  B 1 1  ? -19.124 -3.987  -7.256  1.00 42.66 ? 13 DC  B "O4'" 1 
ATOM   248 C  "C3'" . DC  B 1 1  ? -18.140 -1.899  -7.554  1.00 48.03 ? 13 DC  B "C3'" 1 
ATOM   249 O  "O3'" . DC  B 1 1  ? -18.007 -1.399  -6.268  1.00 44.24 ? 13 DC  B "O3'" 1 
ATOM   250 C  "C2'" . DC  B 1 1  ? -17.127 -3.001  -7.807  1.00 42.27 ? 13 DC  B "C2'" 1 
ATOM   251 C  "C1'" . DC  B 1 1  ? -17.740 -4.081  -6.946  1.00 43.75 ? 13 DC  B "C1'" 1 
ATOM   252 N  N1    . DC  B 1 1  ? -17.369 -5.492  -7.225  1.00 47.43 ? 13 DC  B N1    1 
ATOM   253 C  C2    . DC  B 1 1  ? -17.086 -6.382  -6.178  1.00 55.55 ? 13 DC  B C2    1 
ATOM   254 O  O2    . DC  B 1 1  ? -17.062 -5.966  -5.030  1.00 36.86 ? 13 DC  B O2    1 
ATOM   255 N  N3    . DC  B 1 1  ? -16.827 -7.685  -6.475  1.00 51.82 ? 13 DC  B N3    1 
ATOM   256 C  C4    . DC  B 1 1  ? -16.886 -8.129  -7.745  1.00 55.81 ? 13 DC  B C4    1 
ATOM   257 N  N4    . DC  B 1 1  ? -16.644 -9.431  -8.002  1.00 47.47 ? 13 DC  B N4    1 
ATOM   258 C  C5    . DC  B 1 1  ? -17.226 -7.267  -8.809  1.00 35.62 ? 13 DC  B C5    1 
ATOM   259 C  C6    . DC  B 1 1  ? -17.461 -5.968  -8.523  1.00 55.62 ? 13 DC  B C6    1 
ATOM   260 P  P     . DG  B 1 2  ? -17.835 0.165   -6.007  1.00 53.15 ? 14 DG  B P     1 
ATOM   261 O  OP1   . DG  B 1 2  ? -19.054 0.871   -6.438  1.00 51.04 ? 14 DG  B OP1   1 
ATOM   262 O  OP2   . DG  B 1 2  ? -16.505 0.539   -6.523  1.00 53.01 ? 14 DG  B OP2   1 
ATOM   263 O  "O5'" . DG  B 1 2  ? -17.782 0.209   -4.428  1.00 44.76 ? 14 DG  B "O5'" 1 
ATOM   264 C  "C5'" . DG  B 1 2  ? -18.872 -0.286  -3.655  1.00 38.33 ? 14 DG  B "C5'" 1 
ATOM   265 C  "C4'" . DG  B 1 2  ? -18.315 -0.924  -2.394  1.00 34.35 ? 14 DG  B "C4'" 1 
ATOM   266 O  "O4'" . DG  B 1 2  ? -17.784 -2.222  -2.747  1.00 45.87 ? 14 DG  B "O4'" 1 
ATOM   267 C  "C3'" . DG  B 1 2  ? -17.211 -0.154  -1.726  1.00 38.65 ? 14 DG  B "C3'" 1 
ATOM   268 O  "O3'" . DG  B 1 2  ? -17.559 0.139   -0.387  1.00 34.73 ? 14 DG  B "O3'" 1 
ATOM   269 C  "C2'" . DG  B 1 2  ? -15.970 -1.030  -1.814  1.00 47.47 ? 14 DG  B "C2'" 1 
ATOM   270 C  "C1'" . DG  B 1 2  ? -16.505 -2.408  -2.154  1.00 46.81 ? 14 DG  B "C1'" 1 
ATOM   271 N  N9    . DG  B 1 2  ? -15.669 -3.077  -3.133  1.00 42.14 ? 14 DG  B N9    1 
ATOM   272 C  C8    . DG  B 1 2  ? -15.382 -2.610  -4.372  1.00 43.54 ? 14 DG  B C8    1 
ATOM   273 N  N7    . DG  B 1 2  ? -14.617 -3.391  -5.055  1.00 40.01 ? 14 DG  B N7    1 
ATOM   274 C  C5    . DG  B 1 2  ? -14.367 -4.456  -4.203  1.00 38.21 ? 14 DG  B C5    1 
ATOM   275 C  C6    . DG  B 1 2  ? -13.561 -5.599  -4.393  1.00 45.81 ? 14 DG  B C6    1 
ATOM   276 O  O6    . DG  B 1 2  ? -12.923 -5.931  -5.396  1.00 36.75 ? 14 DG  B O6    1 
ATOM   277 N  N1    . DG  B 1 2  ? -13.561 -6.428  -3.283  1.00 35.12 ? 14 DG  B N1    1 
ATOM   278 C  C2    . DG  B 1 2  ? -14.235 -6.152  -2.110  1.00 42.45 ? 14 DG  B C2    1 
ATOM   279 N  N2    . DG  B 1 2  ? -14.100 -7.042  -1.135  1.00 34.15 ? 14 DG  B N2    1 
ATOM   280 N  N3    . DG  B 1 2  ? -14.971 -5.073  -1.908  1.00 39.50 ? 14 DG  B N3    1 
ATOM   281 C  C4    . DG  B 1 2  ? -14.993 -4.270  -3.005  1.00 37.88 ? 14 DG  B C4    1 
ATOM   282 P  P     . DC  B 1 3  ? -16.576 0.985   0.495   1.00 42.79 ? 15 DC  B P     1 
ATOM   283 O  OP1   . DC  B 1 3  ? -17.395 1.523   1.608   1.00 42.79 ? 15 DC  B OP1   1 
ATOM   284 O  OP2   . DC  B 1 3  ? -15.730 1.851   -0.370  1.00 46.90 ? 15 DC  B OP2   1 
ATOM   285 O  "O5'" . DC  B 1 3  ? -15.588 -0.096  1.151   1.00 34.93 ? 15 DC  B "O5'" 1 
ATOM   286 C  "C5'" . DC  B 1 3  ? -16.073 -1.027  2.146   1.00 35.29 ? 15 DC  B "C5'" 1 
ATOM   287 C  "C4'" . DC  B 1 3  ? -15.011 -2.080  2.338   1.00 35.05 ? 15 DC  B "C4'" 1 
ATOM   288 O  "O4'" . DC  B 1 3  ? -14.594 -2.534  1.011   1.00 38.58 ? 15 DC  B "O4'" 1 
ATOM   289 C  "C3'" . DC  B 1 3  ? -13.732 -1.516  2.927   1.00 36.30 ? 15 DC  B "C3'" 1 
ATOM   290 O  "O3'" . DC  B 1 3  ? -13.749 -1.623  4.290   1.00 39.40 ? 15 DC  B "O3'" 1 
ATOM   291 C  "C2'" . DC  B 1 3  ? -12.601 -2.325  2.264   1.00 54.40 ? 15 DC  B "C2'" 1 
ATOM   292 C  "C1'" . DC  B 1 3  ? -13.245 -2.984  1.051   1.00 36.39 ? 15 DC  B "C1'" 1 
ATOM   293 N  N1    . DC  B 1 3  ? -12.632 -2.697  -0.322  1.00 41.13 ? 15 DC  B N1    1 
ATOM   294 C  C2    . DC  B 1 3  ? -11.883 -3.690  -0.984  1.00 30.59 ? 15 DC  B C2    1 
ATOM   295 O  O2    . DC  B 1 3  ? -11.706 -4.795  -0.426  1.00 37.02 ? 15 DC  B O2    1 
ATOM   296 N  N3    . DC  B 1 3  ? -11.403 -3.423  -2.231  1.00 40.76 ? 15 DC  B N3    1 
ATOM   297 C  C4    . DC  B 1 3  ? -11.626 -2.234  -2.808  1.00 52.44 ? 15 DC  B C4    1 
ATOM   298 N  N4    . DC  B 1 3  ? -11.135 -2.015  -4.036  1.00 43.03 ? 15 DC  B N4    1 
ATOM   299 C  C5    . DC  B 1 3  ? -12.364 -1.215  -2.149  1.00 40.23 ? 15 DC  B C5    1 
ATOM   300 C  C6    . DC  B 1 3  ? -12.825 -1.474  -0.914  1.00 34.01 ? 15 DC  B C6    1 
ATOM   301 P  P     . DG  B 1 4  ? -12.605 -0.971  5.158   1.00 46.53 ? 16 DG  B P     1 
ATOM   302 O  OP1   . DG  B 1 4  ? -13.174 -0.734  6.486   1.00 52.11 ? 16 DG  B OP1   1 
ATOM   303 O  OP2   . DG  B 1 4  ? -11.957 0.121   4.411   1.00 41.14 ? 16 DG  B OP2   1 
ATOM   304 O  "O5'" . DG  B 1 4  ? -11.523 -2.112  5.241   1.00 46.89 ? 16 DG  B "O5'" 1 
ATOM   305 C  "C5'" . DG  B 1 4  ? -11.857 -3.336  5.764   1.00 54.83 ? 16 DG  B "C5'" 1 
ATOM   306 C  "C4'" . DG  B 1 4  ? -10.693 -4.265  5.631   1.00 42.33 ? 16 DG  B "C4'" 1 
ATOM   307 O  "O4'" . DG  B 1 4  ? -10.338 -4.381  4.234   1.00 52.13 ? 16 DG  B "O4'" 1 
ATOM   308 C  "C3'" . DG  B 1 4  ? -9.419  -3.851  6.349   1.00 56.41 ? 16 DG  B "C3'" 1 
ATOM   309 O  "O3'" . DG  B 1 4  ? -8.811  -5.040  6.869   1.00 60.08 ? 16 DG  B "O3'" 1 
ATOM   310 C  "C2'" . DG  B 1 4  ? -8.617  -3.144  5.251   1.00 48.76 ? 16 DG  B "C2'" 1 
ATOM   311 C  "C1'" . DG  B 1 4  ? -9.033  -3.890  4.006   1.00 50.93 ? 16 DG  B "C1'" 1 
ATOM   312 N  N9    . DG  B 1 4  ? -9.032  -3.079  2.788   1.00 38.05 ? 16 DG  B N9    1 
ATOM   313 C  C8    . DG  B 1 4  ? -9.381  -1.750  2.632   1.00 32.01 ? 16 DG  B C8    1 
ATOM   314 N  N7    . DG  B 1 4  ? -9.252  -1.316  1.418   1.00 41.85 ? 16 DG  B N7    1 
ATOM   315 C  C5    . DG  B 1 4  ? -8.778  -2.413  0.741   1.00 35.08 ? 16 DG  B C5    1 
ATOM   316 C  C6    . DG  B 1 4  ? -8.434  -2.542  -0.601  1.00 38.29 ? 16 DG  B C6    1 
ATOM   317 O  O6    . DG  B 1 4  ? -8.526  -1.693  -1.465  1.00 38.47 ? 16 DG  B O6    1 
ATOM   318 N  N1    . DG  B 1 4  ? -7.961  -3.819  -0.921  1.00 37.64 ? 16 DG  B N1    1 
ATOM   319 C  C2    . DG  B 1 4  ? -7.849  -4.843  -0.010  1.00 43.31 ? 16 DG  B C2    1 
ATOM   320 N  N2    . DG  B 1 4  ? -7.370  -6.016  -0.475  1.00 40.90 ? 16 DG  B N2    1 
ATOM   321 N  N3    . DG  B 1 4  ? -8.168  -4.742  1.258   1.00 46.83 ? 16 DG  B N3    1 
ATOM   322 C  C4    . DG  B 1 4  ? -8.623  -3.496  1.560   1.00 50.76 ? 16 DG  B C4    1 
ATOM   323 P  P     . DA  B 1 5  ? -7.278  -5.150  7.258   1.00 53.04 ? 17 DA  B P     1 
ATOM   324 O  OP1   . DA  B 1 5  ? -7.177  -6.182  8.290   1.00 59.08 ? 17 DA  B OP1   1 
ATOM   325 O  OP2   . DA  B 1 5  ? -6.756  -3.785  7.508   1.00 43.29 ? 17 DA  B OP2   1 
ATOM   326 O  "O5'" . DA  B 1 5  ? -6.603  -5.707  5.953   1.00 49.97 ? 17 DA  B "O5'" 1 
ATOM   327 C  "C5'" . DA  B 1 5  ? -6.947  -6.973  5.521   1.00 32.90 ? 17 DA  B "C5'" 1 
ATOM   328 C  "C4'" . DA  B 1 5  ? -5.983  -7.446  4.519   1.00 55.73 ? 17 DA  B "C4'" 1 
ATOM   329 O  "O4'" . DA  B 1 5  ? -5.949  -6.548  3.402   1.00 39.35 ? 17 DA  B "O4'" 1 
ATOM   330 C  "C3'" . DA  B 1 5  ? -4.563  -7.511  5.011   1.00 61.81 ? 17 DA  B "C3'" 1 
ATOM   331 O  "O3'" . DA  B 1 5  ? -3.969  -8.579  4.335   1.00 57.90 ? 17 DA  B "O3'" 1 
ATOM   332 C  "C2'" . DA  B 1 5  ? -3.996  -6.146  4.624   1.00 64.41 ? 17 DA  B "C2'" 1 
ATOM   333 C  "C1'" . DA  B 1 5  ? -4.680  -5.919  3.288   1.00 47.32 ? 17 DA  B "C1'" 1 
ATOM   334 N  N9    . DA  B 1 5  ? -4.937  -4.532  2.929   1.00 38.15 ? 17 DA  B N9    1 
ATOM   335 C  C8    . DA  B 1 5  ? -5.337  -3.533  3.750   1.00 40.89 ? 17 DA  B C8    1 
ATOM   336 N  N7    . DA  B 1 5  ? -5.564  -2.406  3.141   1.00 38.91 ? 17 DA  B N7    1 
ATOM   337 C  C5    . DA  B 1 5  ? -5.254  -2.686  1.823   1.00 31.13 ? 17 DA  B C5    1 
ATOM   338 C  C6    . DA  B 1 5  ? -5.285  -1.892  0.689   1.00 36.55 ? 17 DA  B C6    1 
ATOM   339 N  N6    . DA  B 1 5  ? -5.650  -0.590  0.694   1.00 36.39 ? 17 DA  B N6    1 
ATOM   340 N  N1    . DA  B 1 5  ? -4.948  -2.475  -0.455  1.00 33.51 ? 17 DA  B N1    1 
ATOM   341 C  C2    . DA  B 1 5  ? -4.605  -3.784  -0.470  1.00 48.03 ? 17 DA  B C2    1 
ATOM   342 N  N3    . DA  B 1 5  ? -4.522  -4.626  0.568   1.00 31.27 ? 17 DA  B N3    1 
ATOM   343 C  C4    . DA  B 1 5  ? -4.891  -3.997  1.679   1.00 30.39 ? 17 DA  B C4    1 
ATOM   344 P  P     . DA  B 1 6  ? -2.467  -9.001  4.629   1.00 54.88 ? 18 DA  B P     1 
ATOM   345 O  OP1   . DA  B 1 6  ? -2.448  -10.481 4.652   1.00 76.49 ? 18 DA  B OP1   1 
ATOM   346 O  OP2   . DA  B 1 6  ? -1.933  -8.169  5.728   1.00 46.66 ? 18 DA  B OP2   1 
ATOM   347 O  "O5'" . DA  B 1 6  ? -1.727  -8.492  3.322   1.00 40.91 ? 18 DA  B "O5'" 1 
ATOM   348 C  "C5'" . DA  B 1 6  ? -2.062  -8.992  2.053   1.00 46.96 ? 18 DA  B "C5'" 1 
ATOM   349 C  "C4'" . DA  B 1 6  ? -1.239  -8.248  1.029   1.00 36.12 ? 18 DA  B "C4'" 1 
ATOM   350 O  "O4'" . DA  B 1 6  ? -1.671  -6.867  0.990   1.00 41.60 ? 18 DA  B "O4'" 1 
ATOM   351 C  "C3'" . DA  B 1 6  ? 0.256   -8.205  1.361   1.00 48.48 ? 18 DA  B "C3'" 1 
ATOM   352 O  "O3'" . DA  B 1 6  ? 0.910   -8.676  0.263   1.00 46.89 ? 18 DA  B "O3'" 1 
ATOM   353 C  "C2'" . DA  B 1 6  ? 0.560   -6.729  1.688   1.00 44.76 ? 18 DA  B "C2'" 1 
ATOM   354 C  "C1'" . DA  B 1 6  ? -0.538  -6.020  0.889   1.00 48.66 ? 18 DA  B "C1'" 1 
ATOM   355 N  N9    . DA  B 1 6  ? -0.974  -4.727  1.374   1.00 40.71 ? 18 DA  B N9    1 
ATOM   356 C  C8    . DA  B 1 6  ? -1.292  -4.405  2.667   1.00 29.37 ? 18 DA  B C8    1 
ATOM   357 N  N7    . DA  B 1 6  ? -1.701  -3.171  2.810   1.00 29.99 ? 18 DA  B N7    1 
ATOM   358 C  C5    . DA  B 1 6  ? -1.715  -2.668  1.513   1.00 32.35 ? 18 DA  B C5    1 
ATOM   359 C  C6    . DA  B 1 6  ? -2.065  -1.412  1.063   1.00 42.14 ? 18 DA  B C6    1 
ATOM   360 N  N6    . DA  B 1 6  ? -2.520  -0.448  1.888   1.00 36.40 ? 18 DA  B N6    1 
ATOM   361 N  N1    . DA  B 1 6  ? -1.922  -1.177  -0.228  1.00 32.34 ? 18 DA  B N1    1 
ATOM   362 C  C2    . DA  B 1 6  ? -1.500  -2.148  -1.033  1.00 27.17 ? 18 DA  B C2    1 
ATOM   363 N  N3    . DA  B 1 6  ? -1.137  -3.412  -0.720  1.00 36.34 ? 18 DA  B N3    1 
ATOM   364 C  C4    . DA  B 1 6  ? -1.250  -3.578  0.614   1.00 32.47 ? 18 DA  B C4    1 
ATOM   365 P  P     . DT  B 1 7  ? 2.505   -8.744  0.189   1.00 60.53 ? 19 DT  B P     1 
ATOM   366 O  OP1   . DT  B 1 7  ? 2.837   -9.875  -0.670  1.00 52.57 ? 19 DT  B OP1   1 
ATOM   367 O  OP2   . DT  B 1 7  ? 3.045   -8.603  1.551   1.00 47.20 ? 19 DT  B OP2   1 
ATOM   368 O  "O5'" . DT  B 1 7  ? 2.875   -7.450  -0.634  1.00 48.87 ? 19 DT  B "O5'" 1 
ATOM   369 C  "C5'" . DT  B 1 7  ? 2.561   -7.423  -2.002  1.00 42.05 ? 19 DT  B "C5'" 1 
ATOM   370 C  "C4'" . DT  B 1 7  ? 2.737   -6.012  -2.512  1.00 50.33 ? 19 DT  B "C4'" 1 
ATOM   371 O  "O4'" . DT  B 1 7  ? 2.063   -5.047  -1.651  1.00 42.09 ? 19 DT  B "O4'" 1 
ATOM   372 C  "C3'" . DT  B 1 7  ? 4.189   -5.590  -2.526  1.00 32.95 ? 19 DT  B "C3'" 1 
ATOM   373 O  "O3'" . DT  B 1 7  ? 4.549   -5.462  -3.861  1.00 44.83 ? 19 DT  B "O3'" 1 
ATOM   374 C  "C2'" . DT  B 1 7  ? 4.251   -4.262  -1.735  1.00 36.15 ? 19 DT  B "C2'" 1 
ATOM   375 C  "C1'" . DT  B 1 7  ? 2.798   -3.815  -1.740  1.00 35.57 ? 19 DT  B "C1'" 1 
ATOM   376 N  N1    . DT  B 1 7  ? 2.357   -2.971  -0.634  1.00 43.75 ? 19 DT  B N1    1 
ATOM   377 C  C2    . DT  B 1 7  ? 1.917   -1.676  -0.893  1.00 29.14 ? 19 DT  B C2    1 
ATOM   378 O  O2    . DT  B 1 7  ? 1.932   -1.157  -2.028  1.00 36.50 ? 19 DT  B O2    1 
ATOM   379 N  N3    . DT  B 1 7  ? 1.487   -1.031  0.193   1.00 33.54 ? 19 DT  B N3    1 
ATOM   380 C  C4    . DT  B 1 7  ? 1.458   -1.481  1.485   1.00 34.38 ? 19 DT  B C4    1 
ATOM   381 O  O4    . DT  B 1 7  ? 1.058   -0.791  2.373   1.00 35.49 ? 19 DT  B O4    1 
ATOM   382 C  C5    . DT  B 1 7  ? 1.917   -2.812  1.708   1.00 43.68 ? 19 DT  B C5    1 
ATOM   383 C  C7    . DT  B 1 7  ? 1.999   -3.339  3.102   1.00 37.58 ? 19 DT  B C7    1 
ATOM   384 C  C6    . DT  B 1 7  ? 2.337   -3.495  0.655   1.00 35.73 ? 19 DT  B C6    1 
ATOM   385 P  P     . DT  B 1 8  ? 6.071   -5.302  -4.247  1.00 49.92 ? 20 DT  B P     1 
ATOM   386 O  OP1   . DT  B 1 8  ? 6.183   -5.924  -5.589  1.00 44.24 ? 20 DT  B OP1   1 
ATOM   387 O  OP2   . DT  B 1 8  ? 6.926   -5.669  -3.082  1.00 40.19 ? 20 DT  B OP2   1 
ATOM   388 O  "O5'" . DT  B 1 8  ? 6.208   -3.718  -4.390  1.00 57.56 ? 20 DT  B "O5'" 1 
ATOM   389 C  "C5'" . DT  B 1 8  ? 5.387   -3.004  -5.252  1.00 47.98 ? 20 DT  B "C5'" 1 
ATOM   390 C  "C4'" . DT  B 1 8  ? 5.562   -1.530  -5.000  1.00 47.28 ? 20 DT  B "C4'" 1 
ATOM   391 O  "O4'" . DT  B 1 8  ? 5.013   -1.199  -3.715  1.00 37.30 ? 20 DT  B "O4'" 1 
ATOM   392 C  "C3'" . DT  B 1 8  ? 7.012   -1.039  -4.965  1.00 31.89 ? 20 DT  B "C3'" 1 
ATOM   393 O  "O3'" . DT  B 1 8  ? 7.120   -0.070  -5.956  1.00 43.25 ? 20 DT  B "O3'" 1 
ATOM   394 C  "C2'" . DT  B 1 8  ? 7.193   -0.476  -3.540  1.00 46.12 ? 20 DT  B "C2'" 1 
ATOM   395 C  "C1'" . DT  B 1 8  ? 5.766   -0.146  -3.158  1.00 40.56 ? 20 DT  B "C1'" 1 
ATOM   396 N  N1    . DT  B 1 8  ? 5.416   -0.106  -1.701  1.00 35.24 ? 20 DT  B N1    1 
ATOM   397 C  C2    . DT  B 1 8  ? 4.758   0.982   -1.188  1.00 41.37 ? 20 DT  B C2    1 
ATOM   398 O  O2    . DT  B 1 8  ? 4.484   1.976   -1.799  1.00 35.35 ? 20 DT  B O2    1 
ATOM   399 N  N3    . DT  B 1 8  ? 4.451   0.894   0.116   1.00 37.34 ? 20 DT  B N3    1 
ATOM   400 C  C4    . DT  B 1 8  ? 4.695   -0.144  0.970   1.00 38.69 ? 20 DT  B C4    1 
ATOM   401 O  O4    . DT  B 1 8  ? 4.360   -0.072  2.146   1.00 35.78 ? 20 DT  B O4    1 
ATOM   402 C  C5    . DT  B 1 8  ? 5.387   -1.267  0.408   1.00 36.32 ? 20 DT  B C5    1 
ATOM   403 C  C7    . DT  B 1 8  ? 5.780   -2.438  1.252   1.00 42.91 ? 20 DT  B C7    1 
ATOM   404 C  C6    . DT  B 1 8  ? 5.710   -1.191  -0.904  1.00 37.40 ? 20 DT  B C6    1 
ATOM   405 P  P     . DC  B 1 9  ? 8.529   0.535   -6.340  1.00 45.62 ? 21 DC  B P     1 
ATOM   406 O  OP1   . DC  B 1 9  ? 8.538   0.628   -7.820  1.00 47.19 ? 21 DC  B OP1   1 
ATOM   407 O  OP2   . DC  B 1 9  ? 9.605   -0.135  -5.594  1.00 51.12 ? 21 DC  B OP2   1 
ATOM   408 O  "O5'" . DC  B 1 9  ? 8.391   1.984   -5.724  1.00 49.14 ? 21 DC  B "O5'" 1 
ATOM   409 C  "C5'" . DC  B 1 9  ? 7.203   2.712   -5.988  1.00 43.47 ? 21 DC  B "C5'" 1 
ATOM   410 C  "C4'" . DC  B 1 9  ? 7.266   4.005   -5.237  1.00 42.43 ? 21 DC  B "C4'" 1 
ATOM   411 O  "O4'" . DC  B 1 9  ? 6.898   3.737   -3.857  1.00 40.00 ? 21 DC  B "O4'" 1 
ATOM   412 C  "C3'" . DC  B 1 9  ? 8.650   4.638   -5.205  1.00 46.58 ? 21 DC  B "C3'" 1 
ATOM   413 O  "O3'" . DC  B 1 9  ? 8.604   5.949   -5.734  1.00 53.08 ? 21 DC  B "O3'" 1 
ATOM   414 C  "C2'" . DC  B 1 9  ? 9.058   4.621   -3.728  1.00 38.36 ? 21 DC  B "C2'" 1 
ATOM   415 C  "C1'" . DC  B 1 9  ? 7.768   4.463   -2.988  1.00 48.53 ? 21 DC  B "C1'" 1 
ATOM   416 N  N1    . DC  B 1 9  ? 7.827   3.668   -1.736  1.00 37.23 ? 21 DC  B N1    1 
ATOM   417 C  C2    . DC  B 1 9  ? 7.190   4.163   -0.575  1.00 42.87 ? 21 DC  B C2    1 
ATOM   418 O  O2    . DC  B 1 9  ? 6.685   5.285   -0.568  1.00 46.99 ? 21 DC  B O2    1 
ATOM   419 N  N3    . DC  B 1 9  ? 7.174   3.392   0.510   1.00 36.21 ? 21 DC  B N3    1 
ATOM   420 C  C4    . DC  B 1 9  ? 7.730   2.170   0.495   1.00 30.76 ? 21 DC  B C4    1 
ATOM   421 N  N4    . DC  B 1 9  ? 7.664   1.470   1.609   1.00 30.07 ? 21 DC  B N4    1 
ATOM   422 C  C5    . DC  B 1 9  ? 8.364   1.631   -0.642  1.00 29.01 ? 21 DC  B C5    1 
ATOM   423 C  C6    . DC  B 1 9  ? 8.391   2.402   -1.740  1.00 33.34 ? 21 DC  B C6    1 
ATOM   424 P  P     . DG  B 1 10 ? 9.944   6.698   -6.164  1.00 53.47 ? 22 DG  B P     1 
ATOM   425 O  OP1   . DG  B 1 10 ? 9.606   7.493   -7.364  1.00 64.60 ? 22 DG  B OP1   1 
ATOM   426 O  OP2   . DG  B 1 10 ? 11.066  5.741   -6.149  1.00 58.95 ? 22 DG  B OP2   1 
ATOM   427 O  "O5'" . DG  B 1 10 ? 10.252  7.693   -4.969  1.00 57.22 ? 22 DG  B "O5'" 1 
ATOM   428 C  "C5'" . DG  B 1 10 ? 9.264   8.467   -4.394  1.00 44.00 ? 22 DG  B "C5'" 1 
ATOM   429 C  "C4'" . DG  B 1 10 ? 9.735   9.006   -3.046  1.00 48.89 ? 22 DG  B "C4'" 1 
ATOM   430 O  "O4'" . DG  B 1 10 ? 9.575   7.989   -2.042  1.00 45.79 ? 22 DG  B "O4'" 1 
ATOM   431 C  "C3'" . DG  B 1 10 ? 11.200  9.387   -2.937  1.00 49.40 ? 22 DG  B "C3'" 1 
ATOM   432 O  "O3'" . DG  B 1 10 ? 11.320  10.446  -2.057  1.00 52.58 ? 22 DG  B "O3'" 1 
ATOM   433 C  "C2'" . DG  B 1 10 ? 11.839  8.142   -2.361  1.00 51.10 ? 22 DG  B "C2'" 1 
ATOM   434 C  "C1'" . DG  B 1 10 ? 10.788  7.825   -1.346  1.00 35.27 ? 22 DG  B "C1'" 1 
ATOM   435 N  N9    . DG  B 1 10 ? 10.811  6.493   -0.767  1.00 34.94 ? 22 DG  B N9    1 
ATOM   436 C  C8    . DG  B 1 10 ? 11.266  5.330   -1.313  1.00 33.31 ? 22 DG  B C8    1 
ATOM   437 N  N7    . DG  B 1 10 ? 11.143  4.288   -0.563  1.00 33.24 ? 22 DG  B N7    1 
ATOM   438 C  C5    . DG  B 1 10 ? 10.574  4.810   0.612   1.00 29.31 ? 22 DG  B C5    1 
ATOM   439 C  C6    . DG  B 1 10 ? 10.186  4.181   1.793   1.00 35.67 ? 22 DG  B C6    1 
ATOM   440 O  O6    . DG  B 1 10 ? 10.270  2.978   2.141   1.00 35.97 ? 22 DG  B O6    1 
ATOM   441 N  N1    . DG  B 1 10 ? 9.648   5.104   2.671   1.00 31.79 ? 22 DG  B N1    1 
ATOM   442 C  C2    . DG  B 1 10 ? 9.464   6.453   2.474   1.00 29.57 ? 22 DG  B C2    1 
ATOM   443 N  N2    . DG  B 1 10 ? 8.929   7.139   3.543   1.00 34.75 ? 22 DG  B N2    1 
ATOM   444 N  N3    . DG  B 1 10 ? 9.822   7.062   1.385   1.00 42.58 ? 22 DG  B N3    1 
ATOM   445 C  C4    . DG  B 1 10 ? 10.362  6.165   0.490   1.00 29.04 ? 22 DG  B C4    1 
ATOM   446 P  P     . DC  B 1 11 ? 12.299  11.639  -2.416  1.00 53.30 ? 23 DC  B P     1 
ATOM   447 O  OP1   . DC  B 1 11 ? 11.629  12.411  -3.476  1.00 58.64 ? 23 DC  B OP1   1 
ATOM   448 O  OP2   . DC  B 1 11 ? 13.666  11.088  -2.584  1.00 55.17 ? 23 DC  B OP2   1 
ATOM   449 O  "O5'" . DC  B 1 11 ? 12.300  12.519  -1.085  1.00 48.36 ? 23 DC  B "O5'" 1 
ATOM   450 C  "C5'" . DC  B 1 11 ? 11.084  13.016  -0.569  1.00 42.52 ? 23 DC  B "C5'" 1 
ATOM   451 C  "C4'" . DC  B 1 11 ? 11.098  12.838  0.933   1.00 48.14 ? 23 DC  B "C4'" 1 
ATOM   452 O  "O4'" . DC  B 1 11 ? 10.958  11.417  1.157   1.00 38.24 ? 23 DC  B "O4'" 1 
ATOM   453 C  "C3'" . DC  B 1 11 ? 12.431  13.249  1.601   1.00 44.03 ? 23 DC  B "C3'" 1 
ATOM   454 O  "O3'" . DC  B 1 11 ? 12.393  14.508  2.293   1.00 49.32 ? 23 DC  B "O3'" 1 
ATOM   455 C  "C2'" . DC  B 1 11 ? 12.736  12.135  2.565   1.00 64.01 ? 23 DC  B "C2'" 1 
ATOM   456 C  "C1'" . DC  B 1 11 ? 11.703  11.072  2.306   1.00 49.48 ? 23 DC  B "C1'" 1 
ATOM   457 N  N1    . DC  B 1 11 ? 12.326  9.750   2.098   1.00 34.17 ? 23 DC  B N1    1 
ATOM   458 C  C2    . DC  B 1 11 ? 12.155  8.794   3.085   1.00 38.68 ? 23 DC  B C2    1 
ATOM   459 O  O2    . DC  B 1 11 ? 11.528  9.119   4.105   1.00 32.45 ? 23 DC  B O2    1 
ATOM   460 N  N3    . DC  B 1 11 ? 12.682  7.559   2.911   1.00 34.11 ? 23 DC  B N3    1 
ATOM   461 C  C4    . DC  B 1 11 ? 13.395  7.266   1.810   1.00 32.60 ? 23 DC  B C4    1 
ATOM   462 N  N4    . DC  B 1 11 ? 13.857  6.014   1.704   1.00 35.14 ? 23 DC  B N4    1 
ATOM   463 C  C5    . DC  B 1 11 ? 13.576  8.223   0.759   1.00 30.50 ? 23 DC  B C5    1 
ATOM   464 C  C6    . DC  B 1 11 ? 13.018  9.446   0.929   1.00 37.07 ? 23 DC  B C6    1 
ATOM   465 P  P     . DG  B 1 12 ? 13.770  15.116  2.872   1.00 56.41 ? 24 DG  B P     1 
ATOM   466 O  OP1   . DG  B 1 12 ? 13.636  16.572  2.989   1.00 62.75 ? 24 DG  B OP1   1 
ATOM   467 O  OP2   . DG  B 1 12 ? 14.931  14.530  2.198   1.00 43.79 ? 24 DG  B OP2   1 
ATOM   468 O  "O5'" . DG  B 1 12 ? 13.868  14.506  4.334   1.00 47.02 ? 24 DG  B "O5'" 1 
ATOM   469 C  "C5'" . DG  B 1 12 ? 12.971  14.866  5.306   1.00 49.32 ? 24 DG  B "C5'" 1 
ATOM   470 C  "C4'" . DG  B 1 12 ? 13.181  13.948  6.480   1.00 49.46 ? 24 DG  B "C4'" 1 
ATOM   471 O  "O4'" . DG  B 1 12 ? 12.949  12.605  6.026   1.00 38.67 ? 24 DG  B "O4'" 1 
ATOM   472 C  "C3'" . DG  B 1 12 ? 14.602  13.949  7.028   1.00 37.11 ? 24 DG  B "C3'" 1 
ATOM   473 O  "O3'" . DG  B 1 12 ? 14.757  14.921  8.050   1.00 53.04 ? 24 DG  B "O3'" 1 
ATOM   474 C  "C2'" . DG  B 1 12 ? 14.779  12.553  7.562   1.00 51.27 ? 24 DG  B "C2'" 1 
ATOM   475 C  "C1'" . DG  B 1 12 ? 13.797  11.733  6.747   1.00 43.11 ? 24 DG  B "C1'" 1 
ATOM   476 N  N9    . DG  B 1 12 ? 14.418  10.858  5.784   1.00 36.78 ? 24 DG  B N9    1 
ATOM   477 C  C8    . DG  B 1 12 ? 14.888  11.165  4.536   1.00 39.02 ? 24 DG  B C8    1 
ATOM   478 N  N7    . DG  B 1 12 ? 15.372  10.143  3.911   1.00 41.35 ? 24 DG  B N7    1 
ATOM   479 C  C5    . DG  B 1 12 ? 15.236  9.108   4.803   1.00 36.84 ? 24 DG  B C5    1 
ATOM   480 C  C6    . DG  B 1 12 ? 15.588  7.765   4.664   1.00 29.00 ? 24 DG  B C6    1 
ATOM   481 O  O6    . DG  B 1 12 ? 16.127  7.225   3.679   1.00 38.29 ? 24 DG  B O6    1 
ATOM   482 N  N1    . DG  B 1 12 ? 15.288  7.038   5.793   1.00 34.45 ? 24 DG  B N1    1 
ATOM   483 C  C2    . DG  B 1 12 ? 14.699  7.544   6.921   1.00 35.09 ? 24 DG  B C2    1 
ATOM   484 N  N2    . DG  B 1 12 ? 14.527  6.688   7.938   1.00 34.65 ? 24 DG  B N2    1 
ATOM   485 N  N3    . DG  B 1 12 ? 14.356  8.813   7.064   1.00 34.35 ? 24 DG  B N3    1 
ATOM   486 C  C4    . DG  B 1 12 ? 14.649  9.522   5.962   1.00 37.37 ? 24 DG  B C4    1 
HETATM 487 MG MG    . MG  C 2 .  ? 13.293  0.117   2.146   1.00 26.64 ? 25 MG  A MG    1 
HETATM 488 C  CBG   . SN8 D 3 .  ? 4.589   6.608   -4.856  1.00 47.16 ? 1  SN8 B CBG   1 
HETATM 489 C  CAU   . SN8 D 3 .  ? 5.099   7.047   -6.090  1.00 76.65 ? 1  SN8 B CAU   1 
HETATM 490 C  CAZ   . SN8 D 3 .  ? 5.798   8.259   -6.188  1.00 70.52 ? 1  SN8 B CAZ   1 
HETATM 491 C  CAA   . SN8 D 3 .  ? 6.342   8.728   -7.534  1.00 65.22 ? 1  SN8 B CAA   1 
HETATM 492 C  CAM   . SN8 D 3 .  ? 5.991   9.046   -5.057  1.00 62.21 ? 1  SN8 B CAM   1 
HETATM 493 C  CAQ   . SN8 D 3 .  ? 5.497   8.613   -3.827  1.00 75.81 ? 1  SN8 B CAQ   1 
HETATM 494 C  CBH   . SN8 D 3 .  ? 4.797   7.397   -3.725  1.00 64.06 ? 1  SN8 B CBH   1 
HETATM 495 N  NBJ   . SN8 D 3 .  ? 4.300   6.984   -2.491  1.00 61.59 ? 1  SN8 B NBJ   1 
HETATM 496 C  CAC   . SN8 D 3 .  ? 4.515   7.829   -1.279  1.00 56.35 ? 1  SN8 B CAC   1 
HETATM 497 C  CAT   . SN8 D 3 .  ? 3.619   5.761   -2.387  1.00 57.93 ? 1  SN8 B CAT   1 
HETATM 498 C  CAP   . SN8 D 3 .  ? 3.401   4.980   -3.508  1.00 48.00 ? 1  SN8 B CAP   1 
HETATM 499 C  CBF   . SN8 D 3 .  ? 3.889   5.381   -4.753  1.00 47.30 ? 1  SN8 B CBF   1 
HETATM 500 N  NAX   . SN8 D 3 .  ? 3.702   4.624   -5.855  1.00 51.35 ? 1  SN8 B NAX   1 
HETATM 501 C  CBC   . SN8 D 3 .  ? 3.310   3.327   -5.833  1.00 58.60 ? 1  SN8 B CBC   1 
HETATM 502 C  CAJ   . SN8 D 3 .  ? 3.167   2.594   -4.660  1.00 49.87 ? 1  SN8 B CAJ   1 
HETATM 503 C  CAL   . SN8 D 3 .  ? 2.748   1.245   -4.704  1.00 56.95 ? 1  SN8 B CAL   1 
HETATM 504 C  CAI   . SN8 D 3 .  ? 3.057   2.702   -7.040  1.00 40.51 ? 1  SN8 B CAI   1 
HETATM 505 C  CAK   . SN8 D 3 .  ? 2.640   1.355   -7.095  1.00 48.69 ? 1  SN8 B CAK   1 
HETATM 506 C  CBE   . SN8 D 3 .  ? 2.486   0.619   -5.921  1.00 38.63 ? 1  SN8 B CBE   1 
HETATM 507 C  CAY   . SN8 D 3 .  ? 2.013   -0.885  -6.010  1.00 48.14 ? 1  SN8 B CAY   1 
HETATM 508 O  OAD   . SN8 D 3 .  ? 2.235   -1.544  -7.018  1.00 49.63 ? 1  SN8 B OAD   1 
HETATM 509 N  NAV   . SN8 D 3 .  ? 1.346   -1.369  -4.945  1.00 39.70 ? 1  SN8 B NAV   1 
HETATM 510 C  CBA   . SN8 D 3 .  ? 0.884   -2.674  -4.861  1.00 34.30 ? 1  SN8 B CBA   1 
HETATM 511 C  CAF   . SN8 D 3 .  ? 1.307   -3.673  -5.744  1.00 62.51 ? 1  SN8 B CAF   1 
HETATM 512 C  CAH   . SN8 D 3 .  ? 0.838   -4.993  -5.591  1.00 67.43 ? 1  SN8 B CAH   1 
HETATM 513 C  CAE   . SN8 D 3 .  ? 0.028   -3.023  -3.833  1.00 52.65 ? 1  SN8 B CAE   1 
HETATM 514 C  CAG   . SN8 D 3 .  ? -0.426  -4.329  -3.662  1.00 68.83 ? 1  SN8 B CAG   1 
HETATM 515 C  CBB   . SN8 D 3 .  ? -0.040  -5.332  -4.544  1.00 64.77 ? 1  SN8 B CBB   1 
HETATM 516 N  NAW   . SN8 D 3 .  ? -0.462  -6.627  -4.400  1.00 55.24 ? 1  SN8 B NAW   1 
HETATM 517 C  CBD   . SN8 D 3 .  ? -1.402  -7.017  -3.486  1.00 34.65 ? 1  SN8 B CBD   1 
HETATM 518 C  CAN   . SN8 D 3 .  ? -2.183  -6.063  -2.834  1.00 51.07 ? 1  SN8 B CAN   1 
HETATM 519 C  CAR   . SN8 D 3 .  ? -3.154  -6.450  -1.916  1.00 85.88 ? 1  SN8 B CAR   1 
HETATM 520 N  NBI   . SN8 D 3 .  ? -3.382  -7.805  -1.657  1.00 49.62 ? 1  SN8 B NBI   1 
HETATM 521 C  CAB   . SN8 D 3 .  ? -4.430  -8.212  -0.677  1.00 56.64 ? 1  SN8 B CAB   1 
HETATM 522 C  CAS   . SN8 D 3 .  ? -2.611  -8.769  -2.327  1.00 52.66 ? 1  SN8 B CAS   1 
HETATM 523 C  CAO   . SN8 D 3 .  ? -1.632  -8.372  -3.238  1.00 54.08 ? 1  SN8 B CAO   1 
HETATM 524 O  O     . HOH E 4 .  ? 12.976  0.037   4.117   1.00 29.69 ? 26 HOH A O     1 
HETATM 525 O  O     . HOH E 4 .  ? 15.775  2.836   0.519   1.00 38.28 ? 27 HOH A O     1 
HETATM 526 O  O     . HOH E 4 .  ? 11.929  -3.613  3.966   1.00 34.07 ? 30 HOH A O     1 
HETATM 527 O  O     . HOH E 4 .  ? 13.619  1.913   2.180   1.00 29.51 ? 31 HOH A O     1 
HETATM 528 O  O     . HOH E 4 .  ? 17.143  -0.563  13.484  1.00 46.40 ? 32 HOH A O     1 
HETATM 529 O  O     . HOH E 4 .  ? 15.138  -0.356  2.535   1.00 36.87 ? 33 HOH A O     1 
HETATM 530 O  O     . HOH E 4 .  ? 9.033   -2.775  3.465   1.00 40.08 ? 35 HOH A O     1 
HETATM 531 O  O     . HOH E 4 .  ? 13.239  -2.267  5.762   1.00 41.53 ? 36 HOH A O     1 
HETATM 532 O  O     . HOH E 4 .  ? 13.595  0.206   0.301   1.00 28.69 ? 37 HOH A O     1 
HETATM 533 O  O     . HOH E 4 .  ? 17.432  0.280   0.778   1.00 39.35 ? 38 HOH A O     1 
HETATM 534 O  O     . HOH E 4 .  ? 12.911  -1.592  2.204   1.00 38.03 ? 40 HOH A O     1 
HETATM 535 O  O     . HOH E 4 .  ? 12.241  -1.728  8.373   1.00 44.63 ? 41 HOH A O     1 
HETATM 536 O  O     . HOH E 4 .  ? -3.374  8.397   -0.091  1.00 43.92 ? 42 HOH A O     1 
HETATM 537 O  O     . HOH E 4 .  ? -2.441  4.907   2.972   1.00 41.65 ? 43 HOH A O     1 
HETATM 538 O  O     . HOH E 4 .  ? -5.611  4.728   -6.775  1.00 42.11 ? 44 HOH A O     1 
HETATM 539 O  O     . HOH E 4 .  ? -4.255  5.812   -4.866  1.00 36.83 ? 45 HOH A O     1 
HETATM 540 O  O     . HOH E 4 .  ? -7.203  6.432   -8.267  1.00 41.68 ? 46 HOH A O     1 
HETATM 541 O  O     . HOH E 4 .  ? -5.020  2.656   -8.241  1.00 41.29 ? 47 HOH A O     1 
HETATM 542 O  O     . HOH E 4 .  ? 8.570   -1.154  5.122   1.00 46.32 ? 48 HOH A O     1 
HETATM 543 O  O     . HOH E 4 .  ? 2.747   12.529  -0.999  1.00 54.59 ? 52 HOH A O     1 
HETATM 544 O  O     . HOH E 4 .  ? -7.685  4.606   -2.626  1.00 51.49 ? 53 HOH A O     1 
HETATM 545 O  O     . HOH E 4 .  ? -7.610  2.248   -1.361  1.00 48.95 ? 54 HOH A O     1 
HETATM 546 O  O     . HOH E 4 .  ? 5.827   2.309   15.321  1.00 58.03 ? 55 HOH A O     1 
HETATM 547 O  O     . HOH E 4 .  ? -2.199  2.895   4.238   1.00 48.22 ? 56 HOH A O     1 
HETATM 548 O  O     . HOH E 4 .  ? -4.880  3.004   1.797   1.00 48.03 ? 58 HOH A O     1 
HETATM 549 O  O     . HOH E 4 .  ? 5.864   -0.081  5.141   1.00 52.80 ? 59 HOH A O     1 
HETATM 550 O  O     . HOH F 4 .  ? 11.412  0.478   1.742   1.00 29.81 ? 29 HOH B O     1 
HETATM 551 O  O     . HOH F 4 .  ? 12.313  1.943   -1.551  1.00 32.38 ? 34 HOH B O     1 
HETATM 552 O  O     . HOH F 4 .  ? -20.822 -5.941  -8.585  1.00 41.75 ? 39 HOH B O     1 
HETATM 553 O  O     . HOH F 4 .  ? 9.188   -1.095  1.310   1.00 46.41 ? 49 HOH B O     1 
HETATM 554 O  O     . HOH F 4 .  ? 4.511   -6.030  1.703   1.00 43.87 ? 50 HOH B O     1 
HETATM 555 O  O     . HOH F 4 .  ? 8.482   9.759   0.773   1.00 49.37 ? 51 HOH B O     1 
HETATM 556 O  O     . HOH F 4 .  ? 10.751  -3.050  -5.418  1.00 55.03 ? 57 HOH B O     1 
# 
